data_1RVF
#
_entry.id   1RVF
#
_cell.length_a   372.000
_cell.length_b   372.000
_cell.length_c   372.000
_cell.angle_alpha   108.40
_cell.angle_beta   108.40
_cell.angle_gamma   108.40
#
_symmetry.space_group_name_H-M   'R 3'
#
loop_
_entity.id
_entity.type
_entity.pdbx_description
1 polymer 'HUMAN RHINOVIRUS 14 COAT PROTEIN'
2 polymer 'HUMAN RHINOVIRUS 14 COAT PROTEIN'
3 polymer 'HUMAN RHINOVIRUS 14 COAT PROTEIN'
4 polymer 'HUMAN RHINOVIRUS 14 COAT PROTEIN'
5 polymer 'FAB 17-IA'
6 polymer 'FAB 17-IA'
#
loop_
_entity_poly.entity_id
_entity_poly.type
_entity_poly.pdbx_seq_one_letter_code
_entity_poly.pdbx_strand_id
1 'polypeptide(L)'
;GLGDELEEVIVEKTKQTVASISSGPKHTQKVPILTANETGATMPVLPSDSIETRTTYMHFNGSETDVECFLGRAACVHVT
EIQNKDATGIDNHREAKLFNDWKINLSSLVQLRKKLELFTYVRFDSEYTILATASQPDSANYSSNLVVQAMYVPPGAPNP
KEWDDYTWQSASNPSVFFKVGDTSRFSVPYVGLASAYNCFYDGYSHDDAETQYGITVLNHMGSMAFRIVNEHDEHKTLVK
IRVYHRAKHVEAWIPRAPRALPYTSIGRTNYPKNTEPVIKKRKGDIKSY
;
1
2 'polypeptide(L)'
;SPNVEACGYSDRVQQITLGNSTITTQEAANAVVCYAEWPEYLPDVDASDVNKTSKPDTSVCRFYTLDSKTWTTGSKGWCW
KLPDALKDMGVFGQNMFFHSLGRSGYTVHVQCNATKFHSGCLLVVVIPEHQLASHEGGNVSVKYTFTHPGERGIDLSSAN
EVGGPVKDVLYNMNGTLLGNLLIFPHQFINLRTNNTATIVIPYINSVPIDSMTRHNNVSLMVIPIAPLTVPTGATPSLPI
TVTIAPMCTEFSGIRSKSIVPQ
;
2
3 'polypeptide(L)'
;GLPTTTLPGSGQFLTTDDRQSPSALPNYEPTPRIHIPGKVHNLLEIIQVDTLIPMNNTHTKDEVNSYLIPLNANRQNEQV
FGTNLFIGDGVFKTTLLGEIVQYYTHWSGSLRFSLMYTGPALSSAKLILAYTPPGARGPQDRREAMLGTHVVWDIGLQST
IVMTIPWTSGVQFRYTDPDTYTSAGFLSCWYQTSLILPPETTGQVYLLSFISACPDFKLRLMKDTQTISQTVALTE
;
3
4 'polypeptide(L)' GAQVSTQKSGSHENQNILTNGSNQTFTVINYYKDAASTSSAGQSLSMDPSKFTEPVKDLMLKGAPALN 4
5 'polypeptide(L)'
;QIVLTQSPAIMSAFPGEKVTITCSATSSVNYMHWFQQKPGTSPKLWIYSSSNLASGVPARFSGSGSGTSYSLTISRMEAE
DAATYYCQQRSSYPITFGSGTKLEIKRADA
;
L
6 'polypeptide(L)'
;QGQLQQSGAELVRPGSSVKISCKASGYAFSSFWVNWVKQRPGQGLEWIGQIYPGDGDNKYNGKFKGKATLTADKSSTTAY
MQLYSLTSEDSAVYFCARSGNYPYAMDYWGQGTSVTVSS
;
H
#
# COMPACT_ATOMS: atom_id res chain seq x y z
N THR A 17 30.73 17.19 19.54
CA THR A 17 30.11 15.87 19.99
C THR A 17 31.18 14.78 19.77
N VAL A 18 30.92 13.54 20.18
CA VAL A 18 31.95 12.47 20.03
C VAL A 18 31.44 11.22 19.31
N ALA A 19 32.40 10.64 18.59
CA ALA A 19 32.23 9.39 17.84
C ALA A 19 32.26 8.23 18.82
N SER A 20 33.41 8.09 19.44
CA SER A 20 33.61 7.04 20.44
C SER A 20 34.86 7.34 21.25
N ILE A 21 34.61 7.28 22.54
CA ILE A 21 35.61 7.48 23.56
C ILE A 21 36.64 6.37 23.46
N SER A 22 37.71 6.54 24.19
CA SER A 22 38.76 5.54 24.25
C SER A 22 38.32 4.44 25.22
N SER A 23 38.76 3.26 24.91
CA SER A 23 38.46 2.08 25.73
C SER A 23 39.69 1.19 25.78
N GLY A 24 39.96 0.73 26.98
CA GLY A 24 41.11 -0.16 27.24
C GLY A 24 40.61 -1.59 27.39
N PRO A 25 41.47 -2.54 27.76
CA PRO A 25 41.03 -3.92 27.96
C PRO A 25 39.94 -3.94 29.01
N LYS A 26 39.48 -5.15 29.37
CA LYS A 26 38.39 -5.31 30.39
C LYS A 26 38.46 -6.67 31.10
N HIS A 27 37.37 -6.97 31.83
CA HIS A 27 37.24 -8.21 32.64
C HIS A 27 36.27 -7.97 33.81
N THR A 28 35.00 -8.38 33.68
CA THR A 28 34.03 -8.09 34.76
C THR A 28 32.94 -9.14 34.96
N GLN A 29 31.94 -8.58 35.64
CA GLN A 29 30.67 -9.21 36.00
C GLN A 29 29.59 -8.61 35.12
N LYS A 30 29.93 -7.41 34.70
CA LYS A 30 29.10 -6.58 33.84
C LYS A 30 29.43 -6.87 32.38
N VAL A 31 28.63 -7.73 31.78
CA VAL A 31 28.79 -8.11 30.38
C VAL A 31 27.80 -7.33 29.52
N PRO A 32 28.28 -6.27 28.88
CA PRO A 32 27.47 -5.42 28.04
C PRO A 32 26.86 -6.13 26.84
N ILE A 33 27.65 -6.88 26.08
CA ILE A 33 27.18 -7.50 24.80
C ILE A 33 26.37 -8.80 24.95
N LEU A 34 25.74 -9.01 26.09
CA LEU A 34 24.93 -10.21 26.30
C LEU A 34 23.57 -9.84 26.89
N THR A 35 22.60 -9.82 25.98
CA THR A 35 21.20 -9.47 26.30
C THR A 35 20.25 -10.57 25.80
N ALA A 36 19.01 -10.40 26.20
CA ALA A 36 17.90 -11.28 25.78
C ALA A 36 17.04 -10.48 24.83
N ASN A 37 17.16 -10.79 23.55
CA ASN A 37 16.50 -10.02 22.49
C ASN A 37 15.00 -10.33 22.34
N GLU A 38 14.50 -11.26 23.13
CA GLU A 38 13.07 -11.63 23.05
C GLU A 38 12.22 -10.70 23.91
N THR A 39 12.88 -9.72 24.48
CA THR A 39 12.19 -8.73 25.33
C THR A 39 11.54 -7.68 24.42
N GLY A 40 12.22 -7.43 23.33
CA GLY A 40 11.78 -6.48 22.30
C GLY A 40 12.70 -5.26 22.26
N ALA A 41 13.58 -5.20 23.23
CA ALA A 41 14.51 -4.08 23.38
C ALA A 41 15.83 -4.35 22.64
N THR A 42 15.97 -3.60 21.57
CA THR A 42 17.18 -3.58 20.75
C THR A 42 18.24 -2.85 21.56
N MET A 43 19.17 -3.61 22.09
CA MET A 43 20.18 -3.03 22.97
C MET A 43 21.04 -1.97 22.29
N PRO A 44 21.15 -0.79 22.91
CA PRO A 44 22.01 0.29 22.44
C PRO A 44 23.51 -0.02 22.60
N VAL A 45 23.93 -1.28 22.40
CA VAL A 45 25.38 -1.64 22.57
C VAL A 45 26.25 -0.64 21.86
N LEU A 46 27.50 -1.00 21.72
CA LEU A 46 28.43 -0.09 21.10
C LEU A 46 29.72 -0.71 20.68
N PRO A 47 30.49 0.04 19.91
CA PRO A 47 31.77 -0.41 19.48
C PRO A 47 32.65 -0.56 20.68
N SER A 48 32.81 0.56 21.36
CA SER A 48 33.67 0.68 22.55
C SER A 48 33.21 -0.21 23.71
N ASP A 49 32.36 -1.17 23.41
CA ASP A 49 31.84 -2.10 24.43
C ASP A 49 32.36 -3.50 24.17
N SER A 50 32.80 -3.62 22.95
CA SER A 50 33.29 -4.87 22.41
C SER A 50 34.80 -4.82 22.09
N ILE A 51 35.46 -3.66 22.27
CA ILE A 51 36.94 -3.59 21.94
C ILE A 51 37.67 -2.36 22.50
N GLU A 52 38.95 -2.30 22.13
CA GLU A 52 39.85 -1.17 22.47
C GLU A 52 39.73 -0.14 21.33
N THR A 53 39.36 1.09 21.72
CA THR A 53 39.11 2.21 20.77
C THR A 53 39.90 3.48 21.14
N ARG A 54 39.48 4.55 20.48
CA ARG A 54 40.06 5.90 20.67
C ARG A 54 38.96 6.97 20.56
N THR A 55 39.14 8.09 21.26
CA THR A 55 38.17 9.20 21.20
C THR A 55 38.16 9.75 19.78
N THR A 56 36.98 9.92 19.24
CA THR A 56 36.85 10.46 17.89
C THR A 56 35.70 11.40 17.82
N TYR A 57 35.46 11.89 16.66
CA TYR A 57 34.45 12.89 16.56
C TYR A 57 33.35 12.50 15.63
N MET A 58 32.39 13.39 15.67
CA MET A 58 31.13 13.19 14.97
C MET A 58 30.94 14.17 13.81
N HIS A 59 30.98 15.45 14.08
CA HIS A 59 30.76 16.49 13.05
C HIS A 59 29.72 16.04 12.00
N PHE A 60 28.59 15.57 12.47
CA PHE A 60 27.49 15.14 11.60
C PHE A 60 26.21 15.01 12.43
N ASN A 61 25.11 15.49 11.86
CA ASN A 61 23.81 15.55 12.54
C ASN A 61 22.67 15.24 11.58
N GLY A 62 23.05 14.65 10.50
CA GLY A 62 22.14 14.25 9.44
C GLY A 62 20.99 15.23 9.29
N SER A 63 21.29 16.31 8.60
CA SER A 63 20.26 17.27 8.24
C SER A 63 19.49 16.62 7.11
N GLU A 64 20.27 15.85 6.34
CA GLU A 64 19.79 15.17 5.15
C GLU A 64 19.00 13.89 5.48
N THR A 65 18.90 13.52 6.75
CA THR A 65 18.13 12.30 7.12
C THR A 65 16.94 12.66 8.03
N ASP A 66 16.68 13.95 8.12
CA ASP A 66 15.55 14.53 8.87
C ASP A 66 14.29 14.34 8.02
N VAL A 67 13.14 14.14 8.66
CA VAL A 67 11.90 13.86 7.90
C VAL A 67 11.39 15.07 7.12
N GLU A 68 11.84 16.28 7.43
CA GLU A 68 11.41 17.45 6.63
C GLU A 68 12.30 17.53 5.39
N CYS A 69 12.73 16.34 4.99
CA CYS A 69 13.58 16.16 3.82
C CYS A 69 13.18 14.89 3.09
N PHE A 70 13.50 13.80 3.75
CA PHE A 70 13.22 12.47 3.23
C PHE A 70 11.72 12.25 3.10
N LEU A 71 11.09 13.26 2.56
CA LEU A 71 9.64 13.27 2.37
C LEU A 71 9.28 14.49 1.53
N GLY A 72 10.09 15.51 1.75
CA GLY A 72 9.83 16.85 1.18
C GLY A 72 10.69 17.29 -0.03
N ARG A 73 10.83 16.46 -1.05
CA ARG A 73 11.50 16.91 -2.30
C ARG A 73 10.41 17.04 -3.36
N ALA A 74 10.70 17.79 -4.39
CA ALA A 74 9.75 17.89 -5.48
C ALA A 74 9.89 16.65 -6.34
N ALA A 75 8.82 15.94 -6.42
CA ALA A 75 8.75 14.72 -7.21
C ALA A 75 7.46 14.73 -7.97
N CYS A 76 7.46 14.08 -9.09
CA CYS A 76 6.24 13.99 -9.86
C CYS A 76 5.29 13.09 -9.12
N VAL A 77 4.05 13.25 -9.43
CA VAL A 77 3.03 12.44 -8.80
C VAL A 77 1.93 12.07 -9.78
N HIS A 78 1.97 12.61 -10.99
CA HIS A 78 0.92 12.27 -11.95
C HIS A 78 1.02 13.02 -13.30
N VAL A 79 0.68 12.29 -14.39
CA VAL A 79 0.81 12.83 -15.77
C VAL A 79 -0.25 12.27 -16.78
N THR A 80 -1.05 13.24 -17.25
CA THR A 80 -2.14 13.09 -18.23
C THR A 80 -1.84 13.96 -19.46
N GLU A 81 -2.83 14.11 -20.31
CA GLU A 81 -2.71 14.98 -21.50
C GLU A 81 -4.09 15.50 -21.88
N ILE A 82 -4.05 16.40 -22.82
CA ILE A 82 -5.22 17.04 -23.37
C ILE A 82 -4.89 17.52 -24.75
N GLN A 83 -5.85 18.12 -25.36
CA GLN A 83 -5.63 18.64 -26.68
C GLN A 83 -6.69 19.64 -27.05
N ASN A 84 -6.19 20.55 -27.83
CA ASN A 84 -6.97 21.60 -28.43
C ASN A 84 -7.05 21.30 -29.92
N LYS A 85 -8.28 21.10 -30.32
CA LYS A 85 -8.64 20.77 -31.70
C LYS A 85 -10.08 21.24 -31.89
N ASP A 86 -10.67 21.00 -33.05
CA ASP A 86 -12.04 21.48 -33.24
C ASP A 86 -13.09 20.48 -32.74
N ALA A 87 -13.76 20.99 -31.73
CA ALA A 87 -14.80 20.31 -30.95
C ALA A 87 -16.10 20.14 -31.75
N THR A 88 -16.26 20.97 -32.76
CA THR A 88 -17.44 20.94 -33.62
C THR A 88 -17.77 19.49 -34.05
N GLY A 89 -18.57 18.80 -33.23
CA GLY A 89 -19.04 17.43 -33.56
C GLY A 89 -18.62 16.36 -32.54
N ILE A 90 -18.36 16.76 -31.31
CA ILE A 90 -17.97 15.80 -30.26
C ILE A 90 -19.15 15.54 -29.32
N ASP A 91 -19.44 14.24 -29.18
CA ASP A 91 -20.52 13.74 -28.31
C ASP A 91 -20.16 14.03 -26.85
N ASN A 92 -19.00 13.51 -26.47
CA ASN A 92 -18.43 13.73 -25.14
C ASN A 92 -17.00 14.25 -25.29
N HIS A 93 -16.78 15.34 -24.61
CA HIS A 93 -15.53 16.09 -24.65
C HIS A 93 -14.40 15.33 -23.96
N ARG A 94 -14.69 14.79 -22.81
CA ARG A 94 -13.68 14.02 -22.09
C ARG A 94 -13.08 12.99 -23.05
N GLU A 95 -13.96 12.18 -23.59
CA GLU A 95 -13.57 11.12 -24.54
C GLU A 95 -12.68 11.69 -25.64
N ALA A 96 -12.56 13.01 -25.65
CA ALA A 96 -11.76 13.72 -26.65
C ALA A 96 -10.59 14.48 -26.00
N LYS A 97 -10.42 14.24 -24.71
CA LYS A 97 -9.34 14.89 -23.95
C LYS A 97 -9.31 16.37 -24.31
N LEU A 98 -10.49 16.86 -24.64
CA LEU A 98 -10.71 18.26 -24.99
C LEU A 98 -10.33 19.12 -23.78
N PHE A 99 -10.56 18.49 -22.66
CA PHE A 99 -10.27 18.97 -21.30
C PHE A 99 -10.10 17.71 -20.46
N ASN A 100 -9.49 17.81 -19.29
CA ASN A 100 -9.33 16.58 -18.49
C ASN A 100 -9.38 16.84 -17.00
N ASP A 101 -9.04 15.82 -16.23
CA ASP A 101 -9.08 15.94 -14.77
C ASP A 101 -8.25 14.86 -14.04
N TRP A 102 -8.29 15.02 -12.72
CA TRP A 102 -7.49 14.21 -11.80
C TRP A 102 -8.15 14.02 -10.41
N LYS A 103 -8.33 12.75 -10.03
CA LYS A 103 -8.78 12.40 -8.65
C LYS A 103 -7.53 12.53 -7.80
N ILE A 104 -7.26 13.75 -7.36
CA ILE A 104 -6.02 13.96 -6.64
C ILE A 104 -5.82 12.91 -5.57
N ASN A 105 -4.59 12.53 -5.58
CA ASN A 105 -4.01 11.52 -4.72
C ASN A 105 -2.53 11.43 -5.08
N LEU A 106 -1.88 10.41 -4.55
CA LEU A 106 -0.44 10.24 -4.75
C LEU A 106 -0.03 8.84 -5.26
N SER A 107 -0.86 7.86 -4.97
CA SER A 107 -0.56 6.44 -5.29
C SER A 107 -0.24 6.18 -6.78
N SER A 108 -0.72 7.04 -7.64
CA SER A 108 -0.50 6.86 -9.08
C SER A 108 0.95 6.48 -9.40
N LEU A 109 1.87 7.17 -8.74
CA LEU A 109 3.30 7.01 -9.07
C LEU A 109 4.12 6.57 -7.86
N VAL A 110 4.46 5.30 -8.00
CA VAL A 110 5.18 4.47 -7.02
C VAL A 110 6.48 5.03 -6.45
N GLN A 111 7.25 5.79 -7.19
CA GLN A 111 8.54 6.21 -6.62
C GLN A 111 8.35 7.00 -5.32
N LEU A 112 7.40 7.91 -5.32
CA LEU A 112 7.13 8.75 -4.13
C LEU A 112 6.22 7.99 -3.16
N ARG A 113 5.32 7.21 -3.75
CA ARG A 113 4.34 6.43 -2.98
C ARG A 113 5.01 5.43 -2.03
N LYS A 114 6.29 5.16 -2.26
CA LYS A 114 7.04 4.23 -1.39
C LYS A 114 7.61 4.95 -0.19
N LYS A 115 7.99 6.19 -0.41
CA LYS A 115 8.56 7.02 0.65
C LYS A 115 7.51 7.26 1.74
N LEU A 116 6.33 7.66 1.27
CA LEU A 116 5.21 7.99 2.15
C LEU A 116 4.70 6.78 2.95
N GLU A 117 4.60 5.62 2.28
CA GLU A 117 4.10 4.37 2.95
C GLU A 117 5.21 3.79 3.89
N LEU A 118 6.19 4.65 4.20
CA LEU A 118 7.32 4.30 5.09
C LEU A 118 6.90 4.52 6.57
N PHE A 119 5.88 5.37 6.71
CA PHE A 119 5.25 5.69 8.03
C PHE A 119 3.73 5.56 7.92
N THR A 120 3.06 5.45 9.05
CA THR A 120 1.60 5.25 9.02
C THR A 120 0.84 6.58 8.82
N TYR A 121 0.76 7.47 9.80
CA TYR A 121 0.08 8.76 9.51
C TYR A 121 1.11 9.85 9.35
N VAL A 122 0.80 10.70 8.40
CA VAL A 122 1.68 11.78 7.99
C VAL A 122 0.93 13.10 7.99
N ARG A 123 1.65 14.19 8.06
CA ARG A 123 0.97 15.48 8.10
C ARG A 123 1.82 16.60 7.56
N PHE A 124 1.18 17.46 6.77
CA PHE A 124 1.92 18.56 6.15
C PHE A 124 1.15 19.36 5.10
N ASP A 125 1.84 20.46 4.77
CA ASP A 125 1.47 21.43 3.70
C ASP A 125 2.24 20.99 2.44
N SER A 126 1.76 21.38 1.27
CA SER A 126 2.30 20.88 -0.01
C SER A 126 2.67 21.97 -1.02
N GLU A 127 3.50 21.59 -2.00
CA GLU A 127 3.92 22.53 -3.06
C GLU A 127 3.48 22.02 -4.45
N TYR A 128 2.16 21.74 -4.63
CA TYR A 128 1.68 21.30 -5.97
C TYR A 128 2.17 22.36 -7.02
N THR A 129 3.11 21.90 -7.85
CA THR A 129 3.76 22.67 -8.93
C THR A 129 3.45 21.98 -10.29
N ILE A 130 2.85 22.75 -11.20
CA ILE A 130 2.45 22.24 -12.55
C ILE A 130 3.33 22.79 -13.66
N LEU A 131 3.47 21.96 -14.67
CA LEU A 131 4.27 22.28 -15.87
C LEU A 131 3.61 21.56 -17.05
N ALA A 132 3.81 22.06 -18.28
CA ALA A 132 3.18 21.42 -19.47
C ALA A 132 3.75 21.93 -20.81
N THR A 133 3.95 20.93 -21.69
CA THR A 133 4.57 21.04 -23.06
C THR A 133 3.65 20.47 -24.17
N ALA A 134 3.81 20.97 -25.41
CA ALA A 134 2.91 20.56 -26.52
C ALA A 134 3.62 19.95 -27.74
N SER A 135 2.81 19.17 -28.45
CA SER A 135 3.21 18.44 -29.66
C SER A 135 2.22 18.64 -30.80
N GLN A 136 2.80 18.90 -31.97
CA GLN A 136 2.09 18.99 -33.25
C GLN A 136 2.64 17.87 -34.08
N PRO A 137 2.34 16.67 -33.66
CA PRO A 137 2.87 15.49 -34.28
C PRO A 137 2.38 15.32 -35.68
N ASP A 138 1.94 16.40 -36.33
CA ASP A 138 1.41 16.20 -37.68
C ASP A 138 1.01 17.49 -38.40
N SER A 139 1.80 17.70 -39.43
CA SER A 139 1.75 18.82 -40.39
C SER A 139 1.10 20.05 -39.81
N ALA A 140 1.93 20.59 -38.95
CA ALA A 140 1.75 21.84 -38.28
C ALA A 140 2.53 22.84 -39.11
N ASN A 141 2.06 24.05 -39.06
CA ASN A 141 2.67 25.14 -39.80
C ASN A 141 3.01 26.25 -38.82
N TYR A 142 3.24 25.80 -37.61
CA TYR A 142 3.63 26.63 -36.47
C TYR A 142 3.14 26.00 -35.18
N SER A 143 4.01 26.11 -34.19
CA SER A 143 3.68 25.65 -32.85
C SER A 143 2.95 26.79 -32.16
N SER A 144 1.67 26.59 -31.96
CA SER A 144 0.85 27.59 -31.30
C SER A 144 1.19 27.61 -29.81
N ASN A 145 0.72 28.65 -29.17
CA ASN A 145 0.91 28.81 -27.72
C ASN A 145 -0.41 29.14 -27.09
N LEU A 146 -0.74 28.24 -26.28
CA LEU A 146 -1.96 28.23 -25.61
C LEU A 146 -1.67 28.60 -24.18
N VAL A 147 -2.73 28.56 -23.48
CA VAL A 147 -2.74 28.83 -22.09
C VAL A 147 -3.60 27.81 -21.46
N VAL A 148 -3.02 27.10 -20.58
CA VAL A 148 -3.76 26.10 -19.86
C VAL A 148 -4.35 26.73 -18.63
N GLN A 149 -5.55 26.32 -18.32
CA GLN A 149 -6.19 26.72 -17.08
C GLN A 149 -6.47 25.45 -16.31
N ALA A 150 -6.01 25.41 -15.09
CA ALA A 150 -6.25 24.26 -14.22
C ALA A 150 -7.17 24.68 -13.10
N MET A 151 -8.20 23.89 -12.92
CA MET A 151 -9.17 24.16 -11.87
C MET A 151 -8.98 23.14 -10.77
N TYR A 152 -9.75 23.34 -9.76
CA TYR A 152 -9.75 22.48 -8.62
C TYR A 152 -11.20 22.30 -8.27
N VAL A 153 -11.70 21.11 -8.49
CA VAL A 153 -13.10 20.89 -8.22
C VAL A 153 -13.25 20.16 -6.91
N PRO A 154 -13.48 20.89 -5.83
CA PRO A 154 -13.64 20.30 -4.54
C PRO A 154 -14.78 19.34 -4.59
N PRO A 155 -14.68 18.21 -3.90
CA PRO A 155 -15.76 17.25 -3.89
C PRO A 155 -17.01 17.91 -3.36
N GLY A 156 -17.95 17.98 -4.28
CA GLY A 156 -19.26 18.59 -4.03
C GLY A 156 -19.46 19.73 -5.03
N ALA A 157 -18.39 19.95 -5.78
CA ALA A 157 -18.34 21.01 -6.80
C ALA A 157 -19.02 20.55 -8.09
N PRO A 158 -19.62 21.49 -8.85
CA PRO A 158 -20.22 21.16 -10.14
C PRO A 158 -19.10 20.67 -11.02
N ASN A 159 -19.39 20.04 -12.15
CA ASN A 159 -18.27 19.51 -12.94
C ASN A 159 -18.26 19.90 -14.41
N PRO A 160 -17.04 20.20 -14.89
CA PRO A 160 -16.80 20.53 -16.29
C PRO A 160 -17.08 19.33 -17.18
N LYS A 161 -18.01 19.56 -18.10
CA LYS A 161 -18.43 18.55 -19.11
C LYS A 161 -17.77 18.88 -20.44
N GLU A 162 -17.48 20.15 -20.57
CA GLU A 162 -16.80 20.62 -21.75
C GLU A 162 -15.86 21.74 -21.45
N TRP A 163 -14.97 21.73 -22.36
CA TRP A 163 -13.89 22.63 -22.50
C TRP A 163 -14.36 24.09 -22.40
N ASP A 164 -15.68 24.28 -22.39
CA ASP A 164 -16.25 25.63 -22.25
C ASP A 164 -17.65 25.58 -21.65
N ASP A 165 -17.67 25.01 -20.49
CA ASP A 165 -18.86 24.95 -19.66
C ASP A 165 -18.90 26.26 -18.93
N TYR A 166 -19.74 26.31 -17.98
CA TYR A 166 -19.83 27.46 -17.11
C TYR A 166 -18.97 27.16 -15.89
N THR A 167 -18.88 25.86 -15.64
CA THR A 167 -18.08 25.35 -14.54
C THR A 167 -16.73 26.04 -14.54
N TRP A 168 -16.32 26.43 -15.73
CA TRP A 168 -15.01 27.06 -15.99
C TRP A 168 -15.03 28.56 -15.74
N GLN A 169 -15.91 28.98 -14.86
CA GLN A 169 -15.95 30.37 -14.40
C GLN A 169 -15.00 30.43 -13.20
N SER A 170 -15.23 29.43 -12.35
CA SER A 170 -14.46 29.17 -11.13
C SER A 170 -14.65 30.30 -10.12
N ALA A 171 -15.88 30.73 -10.02
CA ALA A 171 -16.28 31.82 -9.12
C ALA A 171 -15.62 31.67 -7.75
N SER A 172 -15.88 30.54 -7.13
CA SER A 172 -15.34 30.24 -5.79
C SER A 172 -14.35 29.08 -5.85
N ASN A 173 -13.91 28.78 -7.05
CA ASN A 173 -12.98 27.66 -7.26
C ASN A 173 -11.58 28.17 -7.62
N PRO A 174 -10.60 27.83 -6.78
CA PRO A 174 -9.19 28.20 -6.96
C PRO A 174 -8.57 27.65 -8.27
N SER A 175 -8.42 28.55 -9.26
CA SER A 175 -7.85 28.23 -10.62
C SER A 175 -6.65 29.14 -10.98
N VAL A 176 -5.80 28.64 -11.89
CA VAL A 176 -4.55 29.33 -12.33
C VAL A 176 -4.24 29.16 -13.82
N PHE A 177 -4.52 30.16 -14.62
CA PHE A 177 -4.15 30.08 -16.04
C PHE A 177 -2.70 30.37 -16.21
N PHE A 178 -1.99 29.39 -16.65
CA PHE A 178 -0.59 29.59 -16.93
C PHE A 178 -0.38 29.31 -18.40
N LYS A 179 0.86 29.32 -18.81
CA LYS A 179 1.19 29.15 -20.22
C LYS A 179 1.94 27.86 -20.49
N VAL A 180 1.74 27.39 -21.71
CA VAL A 180 2.39 26.17 -22.19
C VAL A 180 3.88 26.41 -22.25
N GLY A 181 4.57 25.30 -22.22
CA GLY A 181 6.01 25.30 -22.20
C GLY A 181 6.45 25.83 -20.84
N ASP A 182 5.51 26.39 -20.10
CA ASP A 182 5.84 26.93 -18.79
C ASP A 182 5.23 26.10 -17.65
N THR A 183 5.32 26.74 -16.50
CA THR A 183 4.97 26.15 -15.22
C THR A 183 4.23 27.16 -14.33
N SER A 184 3.74 26.61 -13.23
CA SER A 184 3.02 27.35 -12.18
C SER A 184 3.29 26.67 -10.84
N ARG A 185 3.45 27.49 -9.82
CA ARG A 185 3.77 27.03 -8.45
C ARG A 185 2.69 27.52 -7.47
N PHE A 186 1.61 26.75 -7.36
CA PHE A 186 0.51 27.09 -6.43
C PHE A 186 0.55 26.11 -5.27
N SER A 187 0.85 26.67 -4.10
CA SER A 187 0.98 25.89 -2.86
C SER A 187 -0.28 26.01 -2.02
N VAL A 188 -0.62 24.87 -1.42
CA VAL A 188 -1.82 24.73 -0.58
C VAL A 188 -1.55 24.15 0.79
N PRO A 189 -2.27 24.66 1.80
CA PRO A 189 -2.20 24.12 3.14
C PRO A 189 -2.78 22.74 3.16
N TYR A 190 -2.39 22.01 4.18
CA TYR A 190 -2.88 20.65 4.44
C TYR A 190 -4.38 20.73 4.67
N VAL A 191 -5.13 19.84 4.05
CA VAL A 191 -6.59 19.87 4.22
C VAL A 191 -7.18 18.51 4.53
N GLY A 192 -6.63 17.93 5.55
CA GLY A 192 -7.16 16.69 6.08
C GLY A 192 -8.37 17.10 6.90
N LEU A 193 -9.34 16.25 6.93
CA LEU A 193 -10.54 16.51 7.72
C LEU A 193 -10.24 16.08 9.15
N ALA A 194 -9.00 15.61 9.32
CA ALA A 194 -8.51 15.09 10.60
C ALA A 194 -7.02 15.44 10.85
N SER A 195 -6.73 15.42 12.14
CA SER A 195 -5.44 15.75 12.79
C SER A 195 -4.20 15.21 12.04
N ALA A 196 -4.43 14.64 10.88
CA ALA A 196 -3.36 14.07 10.04
C ALA A 196 -3.98 13.09 9.04
N TYR A 197 -3.21 12.80 8.01
CA TYR A 197 -3.64 11.92 6.91
C TYR A 197 -3.45 10.43 7.20
N ASN A 198 -4.50 9.66 6.93
CA ASN A 198 -4.47 8.18 7.06
C ASN A 198 -3.82 7.61 5.79
N CYS A 199 -2.89 6.70 5.97
CA CYS A 199 -2.13 6.10 4.84
C CYS A 199 -2.64 4.71 4.52
N PHE A 200 -2.90 4.02 5.58
CA PHE A 200 -3.52 2.72 5.55
C PHE A 200 -4.70 2.84 6.44
N TYR A 201 -5.81 2.47 5.95
CA TYR A 201 -6.97 2.58 6.76
C TYR A 201 -7.76 1.31 6.69
N ASP A 202 -7.44 0.46 7.62
CA ASP A 202 -8.13 -0.80 7.75
C ASP A 202 -9.56 -0.49 8.19
N GLY A 203 -10.36 -0.04 7.25
CA GLY A 203 -11.75 0.33 7.54
C GLY A 203 -12.63 0.32 6.29
N TYR A 204 -13.89 0.60 6.56
CA TYR A 204 -14.98 0.67 5.58
C TYR A 204 -15.87 1.86 5.89
N SER A 205 -16.47 2.42 4.86
CA SER A 205 -17.38 3.54 5.07
C SER A 205 -18.45 3.08 6.06
N HIS A 206 -18.86 1.80 5.97
CA HIS A 206 -19.87 1.29 6.91
C HIS A 206 -20.01 -0.24 6.94
N ASP A 207 -20.49 -0.60 8.12
CA ASP A 207 -20.82 -1.95 8.57
C ASP A 207 -21.83 -2.52 7.61
N ASP A 208 -21.27 -2.91 6.49
CA ASP A 208 -22.00 -3.46 5.37
C ASP A 208 -21.06 -4.37 4.60
N ALA A 209 -21.41 -5.62 4.61
CA ALA A 209 -20.64 -6.69 3.98
C ALA A 209 -20.13 -6.28 2.60
N GLU A 210 -20.90 -5.47 1.93
CA GLU A 210 -20.61 -5.16 0.53
C GLU A 210 -19.98 -3.82 0.24
N THR A 211 -19.12 -3.36 1.08
CA THR A 211 -18.43 -2.15 0.72
C THR A 211 -16.97 -2.48 0.57
N GLN A 212 -16.29 -1.52 0.04
CA GLN A 212 -14.87 -1.57 -0.27
C GLN A 212 -14.04 -1.27 0.98
N TYR A 213 -13.03 -2.10 1.16
CA TYR A 213 -12.06 -1.99 2.27
C TYR A 213 -10.84 -1.28 1.69
N GLY A 214 -10.27 -0.40 2.47
CA GLY A 214 -9.09 0.37 2.05
C GLY A 214 -9.31 1.85 2.29
N ILE A 215 -8.22 2.58 2.16
CA ILE A 215 -8.23 4.03 2.38
C ILE A 215 -8.87 4.79 1.22
N THR A 216 -9.17 4.07 0.16
CA THR A 216 -9.80 4.67 -1.02
C THR A 216 -10.92 5.62 -0.57
N VAL A 217 -11.45 5.28 0.59
CA VAL A 217 -12.61 5.94 1.22
C VAL A 217 -12.27 7.26 1.94
N LEU A 218 -11.22 7.20 2.70
CA LEU A 218 -10.77 8.35 3.49
C LEU A 218 -10.27 9.49 2.64
N ASN A 219 -10.05 9.24 1.37
CA ASN A 219 -9.29 10.23 0.64
C ASN A 219 -9.85 10.89 -0.59
N HIS A 220 -10.74 11.81 -0.37
CA HIS A 220 -11.01 12.74 -1.43
C HIS A 220 -10.75 14.13 -0.93
N MET A 221 -10.12 14.75 -1.84
CA MET A 221 -9.79 16.15 -1.86
C MET A 221 -10.24 16.49 -3.25
N GLY A 222 -10.96 15.49 -3.72
CA GLY A 222 -11.58 15.49 -5.02
C GLY A 222 -10.53 15.51 -6.12
N SER A 223 -10.85 16.36 -7.07
CA SER A 223 -10.09 16.46 -8.30
C SER A 223 -9.53 17.84 -8.64
N MET A 224 -8.90 17.70 -9.79
CA MET A 224 -8.19 18.70 -10.58
C MET A 224 -8.78 18.63 -12.00
N ALA A 225 -8.63 19.67 -12.78
CA ALA A 225 -9.17 19.65 -14.16
C ALA A 225 -8.49 20.70 -15.02
N PHE A 226 -7.92 20.24 -16.11
CA PHE A 226 -7.23 21.15 -17.04
C PHE A 226 -7.79 21.05 -18.46
N ARG A 227 -7.96 22.25 -19.03
CA ARG A 227 -8.45 22.47 -20.41
C ARG A 227 -7.50 23.48 -21.08
N ILE A 228 -7.81 23.84 -22.32
CA ILE A 228 -6.98 24.84 -23.06
C ILE A 228 -7.89 25.89 -23.70
N VAL A 229 -7.84 27.03 -23.06
CA VAL A 229 -8.69 28.21 -23.31
C VAL A 229 -8.73 28.74 -24.76
N ASN A 230 -7.89 28.29 -25.66
CA ASN A 230 -7.97 28.83 -27.03
C ASN A 230 -8.90 27.99 -27.90
N GLU A 231 -9.48 28.67 -28.87
CA GLU A 231 -10.30 28.03 -29.88
C GLU A 231 -9.36 27.41 -30.90
N HIS A 232 -9.46 26.10 -31.01
CA HIS A 232 -8.62 25.31 -31.92
C HIS A 232 -8.00 26.15 -33.05
N ASP A 233 -6.66 26.22 -33.09
CA ASP A 233 -6.01 26.86 -34.25
C ASP A 233 -6.44 25.95 -35.42
N GLU A 234 -5.66 25.69 -36.45
CA GLU A 234 -6.22 24.80 -37.51
C GLU A 234 -5.64 23.37 -37.41
N HIS A 235 -4.33 23.25 -37.31
CA HIS A 235 -3.65 21.94 -37.14
C HIS A 235 -4.00 21.44 -35.71
N LYS A 236 -3.50 20.27 -35.31
CA LYS A 236 -3.84 19.74 -33.97
C LYS A 236 -2.67 19.77 -33.00
N THR A 237 -3.04 20.09 -31.76
CA THR A 237 -2.07 20.22 -30.67
C THR A 237 -2.51 19.43 -29.44
N LEU A 238 -1.51 18.79 -28.92
CA LEU A 238 -1.62 17.96 -27.75
C LEU A 238 -0.71 18.49 -26.70
N VAL A 239 -1.27 18.51 -25.54
CA VAL A 239 -0.57 18.97 -24.39
C VAL A 239 -0.50 17.83 -23.39
N LYS A 240 0.67 17.72 -22.81
CA LYS A 240 0.91 16.76 -21.74
C LYS A 240 1.34 17.57 -20.52
N ILE A 241 0.40 17.61 -19.64
CA ILE A 241 0.47 18.28 -18.36
C ILE A 241 1.06 17.32 -17.32
N ARG A 242 2.04 17.80 -16.58
CA ARG A 242 2.69 16.99 -15.50
C ARG A 242 2.48 17.73 -14.17
N VAL A 243 2.20 16.97 -13.11
CA VAL A 243 1.97 17.54 -11.76
C VAL A 243 3.03 17.04 -10.78
N TYR A 244 3.69 18.01 -10.19
CA TYR A 244 4.79 17.78 -9.25
C TYR A 244 4.41 18.24 -7.88
N HIS A 245 4.75 17.46 -6.88
CA HIS A 245 4.35 17.85 -5.52
C HIS A 245 5.43 17.57 -4.50
N ARG A 246 5.57 18.60 -3.68
CA ARG A 246 6.54 18.66 -2.62
C ARG A 246 5.87 18.83 -1.26
N ALA A 247 6.01 17.82 -0.45
CA ALA A 247 5.49 17.88 0.92
C ALA A 247 6.44 18.76 1.71
N LYS A 248 5.89 19.57 2.58
CA LYS A 248 6.72 20.46 3.39
C LYS A 248 5.93 20.97 4.59
N HIS A 249 6.55 20.77 5.75
CA HIS A 249 6.00 21.16 7.04
C HIS A 249 5.42 19.95 7.72
N VAL A 250 6.20 18.92 7.52
CA VAL A 250 5.87 17.55 7.87
C VAL A 250 6.16 17.09 9.29
N GLU A 251 5.40 16.07 9.53
CA GLU A 251 5.41 15.25 10.71
C GLU A 251 4.96 13.88 10.25
N ALA A 252 5.50 12.89 10.85
CA ALA A 252 5.13 11.53 10.53
C ALA A 252 5.08 10.74 11.81
N TRP A 253 4.17 9.82 11.83
CA TRP A 253 4.00 8.97 12.99
C TRP A 253 3.92 7.51 12.59
N ILE A 254 4.47 6.73 13.51
CA ILE A 254 4.54 5.26 13.48
C ILE A 254 5.13 4.73 12.19
N PRO A 255 6.46 4.51 12.10
CA PRO A 255 7.00 3.95 10.90
C PRO A 255 6.48 2.58 10.76
N ARG A 256 6.69 2.04 9.62
CA ARG A 256 6.37 0.64 9.40
C ARG A 256 7.48 0.04 8.59
N ALA A 257 7.12 -1.05 7.96
CA ALA A 257 8.05 -1.80 7.12
C ALA A 257 7.86 -1.41 5.65
N PRO A 258 8.98 -1.18 4.97
CA PRO A 258 9.02 -0.79 3.55
C PRO A 258 8.59 -1.88 2.60
N ARG A 259 7.89 -1.44 1.56
CA ARG A 259 7.37 -2.30 0.47
C ARG A 259 8.50 -3.08 -0.21
N ALA A 260 8.20 -4.36 -0.38
CA ALA A 260 9.09 -5.34 -1.04
C ALA A 260 8.45 -5.79 -2.35
N LEU A 261 7.21 -6.24 -2.21
CA LEU A 261 6.42 -6.68 -3.35
C LEU A 261 5.82 -5.43 -4.03
N PRO A 262 5.77 -5.41 -5.38
CA PRO A 262 5.30 -4.24 -6.16
C PRO A 262 3.85 -3.88 -5.94
N TYR A 263 3.48 -2.78 -6.61
CA TYR A 263 2.12 -2.16 -6.49
C TYR A 263 1.18 -2.57 -7.65
N THR A 264 -0.15 -2.43 -7.37
CA THR A 264 -1.21 -2.84 -8.35
C THR A 264 -2.40 -1.88 -8.51
N SER A 265 -2.51 -0.86 -7.72
CA SER A 265 -3.65 0.05 -7.87
C SER A 265 -3.63 1.04 -6.75
N ILE A 266 -4.27 2.14 -6.98
CA ILE A 266 -4.29 3.19 -5.99
C ILE A 266 -5.14 2.83 -4.78
N GLY A 267 -4.48 2.84 -3.64
CA GLY A 267 -5.14 2.67 -2.34
C GLY A 267 -5.44 1.21 -1.98
N ARG A 268 -4.69 0.34 -2.56
CA ARG A 268 -4.81 -1.07 -2.25
C ARG A 268 -3.37 -1.53 -2.01
N THR A 269 -3.20 -2.48 -1.11
CA THR A 269 -1.85 -3.02 -0.81
C THR A 269 -1.73 -4.40 -1.39
N ASN A 270 -2.09 -4.50 -2.61
CA ASN A 270 -2.08 -5.79 -3.25
C ASN A 270 -0.78 -6.07 -3.89
N TYR A 271 -0.75 -7.28 -4.32
CA TYR A 271 0.31 -7.74 -5.12
C TYR A 271 -0.19 -8.86 -5.99
N PRO A 272 0.50 -8.88 -7.07
CA PRO A 272 0.25 -9.74 -8.19
C PRO A 272 0.49 -11.18 -7.92
N LYS A 273 -0.43 -12.01 -8.35
CA LYS A 273 -0.19 -13.44 -8.28
C LYS A 273 0.96 -13.73 -9.30
N ASN A 274 1.83 -14.68 -8.95
CA ASN A 274 2.99 -15.14 -9.79
C ASN A 274 4.06 -14.04 -9.99
N THR A 275 4.86 -13.85 -8.94
CA THR A 275 5.87 -12.77 -8.91
C THR A 275 7.28 -13.30 -8.50
N GLU A 276 8.26 -12.84 -9.30
CA GLU A 276 9.73 -13.10 -9.16
C GLU A 276 10.12 -12.77 -7.73
N PRO A 277 10.94 -13.55 -7.03
CA PRO A 277 11.27 -13.20 -5.68
C PRO A 277 11.96 -11.87 -5.52
N VAL A 278 11.72 -11.41 -4.32
CA VAL A 278 12.17 -10.15 -3.75
C VAL A 278 13.43 -10.42 -2.90
N ILE A 279 13.49 -11.59 -2.30
CA ILE A 279 14.69 -11.97 -1.56
C ILE A 279 15.70 -12.43 -2.63
N LYS A 280 16.80 -11.68 -2.80
CA LYS A 280 17.84 -12.06 -3.81
C LYS A 280 18.39 -13.45 -3.38
N LYS A 281 18.45 -14.45 -4.30
CA LYS A 281 19.00 -15.81 -3.93
C LYS A 281 20.51 -15.73 -3.74
N ARG A 282 20.99 -16.65 -2.95
CA ARG A 282 22.42 -16.76 -2.65
C ARG A 282 23.07 -17.80 -3.55
N LYS A 283 23.82 -17.36 -4.56
CA LYS A 283 24.49 -18.35 -5.43
C LYS A 283 25.55 -19.09 -4.63
N GLY A 284 25.35 -20.38 -4.59
CA GLY A 284 26.27 -21.29 -3.93
C GLY A 284 25.84 -21.62 -2.51
N ASP A 285 26.58 -21.05 -1.58
CA ASP A 285 26.40 -21.33 -0.18
C ASP A 285 26.05 -20.14 0.66
N ILE A 286 25.66 -20.53 1.83
CA ILE A 286 25.38 -19.65 2.92
C ILE A 286 26.72 -19.39 3.57
N LYS A 287 27.54 -20.41 3.44
CA LYS A 287 28.93 -20.39 3.90
C LYS A 287 29.70 -19.44 2.99
N SER A 288 29.24 -19.44 1.76
CA SER A 288 29.81 -18.59 0.70
C SER A 288 29.86 -17.14 1.17
N TYR A 289 31.06 -16.57 1.14
CA TYR A 289 31.24 -15.14 1.47
C TYR A 289 30.68 -14.31 0.23
N GLY B 8 14.44 -9.26 45.90
CA GLY B 8 14.95 -10.33 44.85
C GLY B 8 13.96 -10.65 43.69
N TYR B 9 13.16 -9.67 43.28
CA TYR B 9 12.15 -9.84 42.20
C TYR B 9 12.81 -9.74 40.77
N SER B 10 12.23 -10.47 39.76
CA SER B 10 12.75 -10.51 38.33
C SER B 10 11.63 -10.33 37.26
N ASP B 11 12.00 -9.71 36.10
CA ASP B 11 11.05 -9.51 34.97
C ASP B 11 10.48 -10.85 34.55
N ARG B 12 11.05 -11.84 35.22
CA ARG B 12 10.72 -13.25 35.04
C ARG B 12 9.60 -13.63 36.01
N VAL B 13 8.85 -12.62 36.41
CA VAL B 13 7.74 -12.78 37.37
C VAL B 13 6.91 -11.52 37.50
N GLN B 14 5.78 -11.52 36.86
CA GLN B 14 4.90 -10.35 36.93
C GLN B 14 3.46 -10.79 37.07
N GLN B 15 2.73 -9.92 37.73
CA GLN B 15 1.30 -10.06 37.93
C GLN B 15 0.66 -8.82 37.35
N ILE B 16 -0.57 -8.95 36.98
CA ILE B 16 -1.31 -7.84 36.38
C ILE B 16 -2.75 -7.95 36.72
N THR B 17 -3.19 -7.08 37.57
CA THR B 17 -4.58 -7.10 37.97
C THR B 17 -5.32 -5.97 37.31
N LEU B 18 -6.36 -6.40 36.65
CA LEU B 18 -7.32 -5.54 35.98
C LEU B 18 -8.67 -5.86 36.54
N GLY B 19 -9.54 -4.90 36.48
CA GLY B 19 -10.87 -5.08 37.03
C GLY B 19 -10.77 -6.12 38.15
N ASN B 20 -11.08 -7.34 37.77
CA ASN B 20 -11.07 -8.50 38.69
C ASN B 20 -10.59 -9.74 37.95
N SER B 21 -9.32 -9.73 37.71
CA SER B 21 -8.65 -10.80 37.00
C SER B 21 -7.17 -10.51 37.02
N THR B 22 -6.40 -11.54 37.19
CA THR B 22 -4.97 -11.38 37.23
C THR B 22 -4.31 -12.37 36.31
N ILE B 23 -3.02 -12.22 36.25
CA ILE B 23 -2.21 -13.07 35.42
C ILE B 23 -0.80 -13.11 35.91
N THR B 24 -0.49 -14.24 36.46
CA THR B 24 0.86 -14.49 36.85
C THR B 24 1.53 -15.11 35.66
N THR B 25 2.80 -15.16 35.79
CA THR B 25 3.69 -15.71 34.81
C THR B 25 5.05 -15.63 35.40
N GLN B 26 5.56 -16.79 35.68
CA GLN B 26 6.89 -16.90 36.24
C GLN B 26 7.89 -17.02 35.10
N GLU B 27 7.73 -16.16 34.10
CA GLU B 27 8.62 -16.22 32.91
C GLU B 27 8.94 -14.84 32.33
N ALA B 28 8.06 -14.47 31.43
CA ALA B 28 8.12 -13.20 30.69
C ALA B 28 9.54 -12.62 30.64
N ALA B 29 9.74 -11.97 29.52
CA ALA B 29 10.95 -11.20 29.20
C ALA B 29 10.53 -9.75 29.24
N ASN B 30 10.31 -9.30 30.45
CA ASN B 30 9.82 -7.96 30.70
C ASN B 30 8.60 -7.76 29.82
N ALA B 31 8.14 -6.55 29.76
CA ALA B 31 6.98 -6.20 28.95
C ALA B 31 7.31 -5.02 28.05
N VAL B 32 6.51 -4.90 27.03
CA VAL B 32 6.68 -3.81 26.07
C VAL B 32 5.52 -2.85 26.14
N VAL B 33 5.91 -1.61 25.97
CA VAL B 33 5.00 -0.48 25.89
C VAL B 33 5.29 0.21 24.60
N CYS B 34 4.47 -0.09 23.64
CA CYS B 34 4.64 0.45 22.30
C CYS B 34 4.67 1.97 22.31
N TYR B 35 5.62 2.46 21.55
CA TYR B 35 5.78 3.88 21.31
C TYR B 35 5.95 4.62 22.63
N ALA B 36 6.15 3.81 23.64
CA ALA B 36 6.44 4.29 24.99
C ALA B 36 5.30 5.10 25.60
N GLU B 37 4.19 5.22 24.91
CA GLU B 37 3.04 5.91 25.49
C GLU B 37 2.41 5.00 26.51
N TRP B 38 1.72 5.57 27.45
CA TRP B 38 0.94 4.74 28.35
C TRP B 38 -0.52 5.11 28.10
N PRO B 39 -1.36 4.09 28.09
CA PRO B 39 -2.78 4.27 27.80
C PRO B 39 -3.43 5.16 28.81
N GLU B 40 -4.33 6.01 28.31
CA GLU B 40 -5.10 6.94 29.14
C GLU B 40 -6.34 7.45 28.40
N TYR B 41 -7.02 8.37 29.07
CA TYR B 41 -8.28 8.97 28.61
C TYR B 41 -8.08 10.22 27.77
N LEU B 42 -9.16 10.54 27.09
CA LEU B 42 -9.26 11.66 26.15
C LEU B 42 -9.26 13.02 26.85
N PRO B 43 -8.10 13.71 26.76
CA PRO B 43 -7.92 15.05 27.29
C PRO B 43 -8.81 16.00 26.57
N ASP B 44 -9.24 17.01 27.27
CA ASP B 44 -10.21 17.95 26.69
C ASP B 44 -9.67 18.69 25.46
N VAL B 45 -8.67 19.50 25.64
CA VAL B 45 -8.12 20.25 24.50
C VAL B 45 -8.29 19.46 23.17
N ASP B 46 -8.06 18.15 23.27
CA ASP B 46 -8.03 17.21 22.11
C ASP B 46 -9.40 16.69 21.63
N ALA B 47 -10.39 16.73 22.49
CA ALA B 47 -11.75 16.19 22.21
C ALA B 47 -12.46 16.91 21.05
N SER B 48 -13.54 16.26 20.59
CA SER B 48 -14.42 16.77 19.51
C SER B 48 -15.89 16.46 19.80
N ASP B 49 -16.27 15.19 19.78
CA ASP B 49 -17.67 14.83 20.10
C ASP B 49 -18.08 15.63 21.33
N VAL B 50 -19.27 16.21 21.29
CA VAL B 50 -19.77 17.08 22.39
C VAL B 50 -20.35 16.31 23.56
N ASN B 51 -20.68 15.09 23.29
CA ASN B 51 -21.29 14.23 24.28
C ASN B 51 -20.36 13.94 25.43
N LYS B 52 -21.01 13.67 26.51
CA LYS B 52 -20.36 13.25 27.72
C LYS B 52 -20.08 11.77 27.55
N THR B 53 -18.81 11.46 27.62
CA THR B 53 -18.34 10.09 27.46
C THR B 53 -18.74 9.25 28.68
N SER B 54 -18.76 7.95 28.44
CA SER B 54 -19.06 6.94 29.47
C SER B 54 -17.82 6.06 29.63
N LYS B 55 -17.56 5.65 30.87
CA LYS B 55 -16.36 4.85 31.17
C LYS B 55 -16.65 3.73 32.21
N PRO B 56 -17.21 2.57 31.78
CA PRO B 56 -17.54 1.45 32.70
C PRO B 56 -16.33 0.82 33.43
N ASP B 57 -15.21 1.51 33.46
CA ASP B 57 -13.94 1.05 34.12
C ASP B 57 -13.82 -0.49 34.31
N THR B 58 -14.02 -0.94 35.54
CA THR B 58 -13.82 -2.37 35.94
C THR B 58 -14.74 -3.39 35.24
N SER B 59 -15.71 -2.92 34.49
CA SER B 59 -16.66 -3.83 33.82
C SER B 59 -16.22 -4.17 32.40
N VAL B 60 -15.17 -3.52 31.95
CA VAL B 60 -14.67 -3.75 30.59
C VAL B 60 -13.16 -3.58 30.54
N CYS B 61 -12.67 -2.89 31.53
CA CYS B 61 -11.23 -2.72 31.67
C CYS B 61 -10.73 -3.91 32.48
N ARG B 62 -11.14 -5.11 32.02
CA ARG B 62 -10.82 -6.40 32.66
C ARG B 62 -10.17 -7.38 31.66
N PHE B 63 -10.03 -8.64 32.08
CA PHE B 63 -9.27 -9.65 31.31
C PHE B 63 -10.09 -10.77 30.64
N TYR B 64 -10.29 -10.58 29.35
CA TYR B 64 -11.00 -11.54 28.51
C TYR B 64 -9.98 -12.52 27.93
N THR B 65 -10.41 -13.76 27.82
CA THR B 65 -9.54 -14.83 27.30
C THR B 65 -10.11 -15.41 26.00
N LEU B 66 -9.51 -14.97 24.89
CA LEU B 66 -9.85 -15.46 23.55
C LEU B 66 -9.63 -16.96 23.56
N ASP B 67 -9.10 -17.56 22.51
CA ASP B 67 -8.87 -18.99 22.62
C ASP B 67 -7.66 -19.56 21.90
N SER B 68 -7.27 -20.60 22.60
CA SER B 68 -6.12 -21.45 22.34
C SER B 68 -6.11 -22.01 20.93
N LYS B 69 -5.19 -21.45 20.18
CA LYS B 69 -4.86 -21.93 18.85
C LYS B 69 -3.79 -22.97 19.11
N THR B 70 -3.64 -23.92 18.24
CA THR B 70 -2.64 -24.95 18.50
C THR B 70 -1.55 -24.96 17.44
N TRP B 71 -0.41 -24.58 17.97
CA TRP B 71 0.85 -24.48 17.26
C TRP B 71 1.41 -25.88 16.99
N THR B 72 1.72 -26.09 15.74
CA THR B 72 2.27 -27.37 15.28
C THR B 72 3.34 -27.11 14.23
N THR B 73 4.09 -28.16 13.97
CA THR B 73 5.17 -28.13 12.98
C THR B 73 4.57 -27.96 11.58
N GLY B 74 3.28 -27.72 11.58
CA GLY B 74 2.51 -27.52 10.34
C GLY B 74 2.11 -26.04 10.22
N SER B 75 1.52 -25.56 11.30
CA SER B 75 1.00 -24.17 11.43
C SER B 75 2.04 -23.16 10.92
N LYS B 76 1.46 -22.11 10.33
CA LYS B 76 2.21 -21.01 9.67
C LYS B 76 2.13 -19.70 10.49
N GLY B 77 0.96 -19.48 11.10
CA GLY B 77 0.70 -18.29 11.92
C GLY B 77 -0.81 -18.05 12.13
N TRP B 78 -1.09 -16.95 12.82
CA TRP B 78 -2.45 -16.47 13.11
C TRP B 78 -2.42 -15.02 13.51
N CYS B 79 -3.51 -14.36 13.22
CA CYS B 79 -3.67 -12.95 13.55
C CYS B 79 -5.04 -12.75 14.18
N TRP B 80 -5.18 -11.57 14.73
CA TRP B 80 -6.41 -11.13 15.40
C TRP B 80 -6.52 -9.60 15.35
N LYS B 81 -7.41 -9.10 14.48
CA LYS B 81 -7.67 -7.65 14.46
C LYS B 81 -8.20 -7.36 15.87
N LEU B 82 -8.13 -6.14 16.37
CA LEU B 82 -8.42 -5.99 17.80
C LEU B 82 -9.73 -5.29 18.23
N PRO B 83 -10.26 -4.17 17.74
CA PRO B 83 -11.45 -3.64 18.37
C PRO B 83 -12.55 -4.67 18.32
N ASP B 84 -12.35 -5.62 17.42
CA ASP B 84 -13.34 -6.66 17.11
C ASP B 84 -13.17 -7.93 17.98
N ALA B 85 -12.03 -8.58 17.86
CA ALA B 85 -11.72 -9.84 18.58
C ALA B 85 -12.52 -10.03 19.89
N LEU B 86 -12.87 -8.93 20.55
CA LEU B 86 -13.58 -8.97 21.85
C LEU B 86 -15.07 -8.60 21.72
N LYS B 87 -15.41 -8.17 20.52
CA LYS B 87 -16.76 -7.72 20.17
C LYS B 87 -17.86 -8.71 20.63
N ASP B 88 -17.53 -9.58 21.57
CA ASP B 88 -18.52 -10.56 22.09
C ASP B 88 -18.55 -10.55 23.61
N MET B 89 -17.34 -10.42 24.13
CA MET B 89 -17.06 -10.44 25.57
C MET B 89 -17.92 -9.43 26.36
N GLY B 90 -18.93 -10.01 26.98
CA GLY B 90 -19.89 -9.33 27.87
C GLY B 90 -20.04 -7.83 27.57
N VAL B 91 -20.12 -7.08 28.68
CA VAL B 91 -20.34 -5.62 28.70
C VAL B 91 -19.50 -4.89 27.67
N PHE B 92 -18.25 -5.26 27.56
CA PHE B 92 -17.44 -4.60 26.57
C PHE B 92 -18.14 -4.68 25.21
N GLY B 93 -18.26 -5.92 24.80
CA GLY B 93 -18.82 -6.35 23.49
C GLY B 93 -20.18 -5.70 23.13
N GLN B 94 -20.83 -5.04 24.06
CA GLN B 94 -22.12 -4.37 23.75
C GLN B 94 -21.92 -2.88 23.72
N ASN B 95 -21.48 -2.42 24.86
CA ASN B 95 -21.16 -1.04 25.05
C ASN B 95 -20.44 -0.59 23.78
N MET B 96 -19.91 -1.60 23.08
CA MET B 96 -19.14 -1.43 21.84
C MET B 96 -20.04 -1.30 20.62
N PHE B 97 -21.18 -1.93 20.71
CA PHE B 97 -22.16 -1.97 19.62
C PHE B 97 -23.33 -1.06 19.85
N PHE B 98 -23.42 -0.62 21.06
CA PHE B 98 -24.54 0.19 21.46
C PHE B 98 -24.28 1.63 21.29
N HIS B 99 -23.07 1.91 21.03
CA HIS B 99 -22.69 3.28 20.89
C HIS B 99 -22.26 3.56 19.50
N SER B 100 -22.35 4.81 19.23
CA SER B 100 -21.90 5.29 17.99
C SER B 100 -20.38 5.11 17.93
N LEU B 101 -19.64 5.95 18.67
CA LEU B 101 -18.16 5.87 18.71
C LEU B 101 -17.64 5.60 20.12
N GLY B 102 -16.56 4.84 20.12
CA GLY B 102 -15.86 4.40 21.34
C GLY B 102 -14.38 4.83 21.27
N ARG B 103 -13.61 4.23 22.16
CA ARG B 103 -12.19 4.56 22.32
C ARG B 103 -11.61 3.68 23.43
N SER B 104 -10.58 2.90 23.11
CA SER B 104 -9.99 2.01 24.15
C SER B 104 -8.59 1.48 23.81
N GLY B 105 -7.84 1.30 24.90
CA GLY B 105 -6.45 0.78 24.91
C GLY B 105 -6.44 -0.67 25.41
N TYR B 106 -5.47 -1.44 24.91
CA TYR B 106 -5.41 -2.90 25.17
C TYR B 106 -4.10 -3.37 25.82
N THR B 107 -4.19 -4.63 26.24
CA THR B 107 -3.08 -5.42 26.82
C THR B 107 -3.17 -6.78 26.13
N VAL B 108 -2.10 -7.57 26.14
CA VAL B 108 -2.19 -8.81 25.36
C VAL B 108 -1.25 -9.94 25.77
N HIS B 109 -1.15 -10.19 27.03
CA HIS B 109 -0.36 -11.32 27.51
C HIS B 109 -0.68 -12.54 26.60
N VAL B 110 0.22 -12.83 25.67
CA VAL B 110 0.09 -14.02 24.79
C VAL B 110 0.79 -15.17 25.52
N GLN B 111 0.40 -16.41 25.29
CA GLN B 111 1.02 -17.50 26.06
C GLN B 111 1.28 -18.78 25.28
N CYS B 112 2.17 -19.56 25.89
CA CYS B 112 2.62 -20.88 25.37
C CYS B 112 3.77 -21.43 26.23
N ASN B 113 3.52 -22.57 26.86
CA ASN B 113 4.54 -23.23 27.70
C ASN B 113 5.05 -24.50 27.00
N ALA B 114 6.25 -24.91 27.44
CA ALA B 114 6.95 -26.10 26.92
C ALA B 114 7.96 -26.60 27.97
N THR B 115 9.16 -26.93 27.50
CA THR B 115 10.23 -27.44 28.39
C THR B 115 11.64 -27.25 27.82
N LYS B 116 12.57 -27.65 28.66
CA LYS B 116 14.02 -27.57 28.40
C LYS B 116 14.47 -28.73 27.49
N PHE B 117 13.53 -29.19 26.67
CA PHE B 117 13.80 -30.25 25.68
C PHE B 117 13.22 -29.83 24.33
N HIS B 118 12.12 -29.11 24.40
CA HIS B 118 11.46 -28.56 23.22
C HIS B 118 12.30 -27.40 22.67
N SER B 119 12.21 -27.22 21.37
CA SER B 119 12.89 -26.11 20.66
C SER B 119 11.83 -25.29 19.93
N GLY B 120 12.18 -24.07 19.53
CA GLY B 120 11.26 -23.22 18.77
C GLY B 120 10.91 -21.89 19.48
N CYS B 121 10.44 -20.95 18.67
CA CYS B 121 10.08 -19.60 19.15
C CYS B 121 9.07 -18.90 18.20
N LEU B 122 8.39 -17.93 18.81
CA LEU B 122 7.33 -17.15 18.18
C LEU B 122 7.72 -15.68 17.99
N LEU B 123 6.79 -14.91 17.45
CA LEU B 123 7.03 -13.49 17.19
C LEU B 123 5.77 -12.65 17.39
N VAL B 124 5.24 -12.65 18.59
CA VAL B 124 4.07 -11.80 18.83
C VAL B 124 4.41 -10.39 18.40
N VAL B 125 3.48 -9.80 17.70
CA VAL B 125 3.65 -8.43 17.19
C VAL B 125 2.31 -7.71 17.12
N VAL B 126 2.39 -6.40 17.15
CA VAL B 126 1.21 -5.54 17.03
C VAL B 126 1.41 -4.57 15.91
N ILE B 127 0.41 -4.43 15.10
CA ILE B 127 0.50 -3.52 13.97
C ILE B 127 -0.69 -2.60 13.86
N PRO B 128 -0.55 -1.33 14.21
CA PRO B 128 -1.62 -0.40 14.05
C PRO B 128 -1.94 -0.20 12.59
N GLU B 129 -3.21 0.02 12.34
CA GLU B 129 -3.76 0.24 10.99
C GLU B 129 -3.04 -0.65 10.00
N HIS B 130 -3.10 -1.93 10.30
CA HIS B 130 -2.59 -2.97 9.43
C HIS B 130 -3.69 -3.29 8.45
N GLN B 131 -3.40 -3.14 7.19
CA GLN B 131 -4.42 -3.32 6.17
C GLN B 131 -3.95 -4.34 5.14
N LEU B 132 -4.79 -5.35 5.03
CA LEU B 132 -4.57 -6.56 4.22
C LEU B 132 -4.72 -6.34 2.70
N ALA B 133 -4.46 -7.46 2.01
CA ALA B 133 -4.47 -7.55 0.53
C ALA B 133 -5.24 -8.79 0.02
N SER B 134 -6.03 -8.54 -1.01
CA SER B 134 -6.82 -9.58 -1.70
C SER B 134 -5.86 -10.49 -2.44
N HIS B 135 -6.30 -11.70 -2.64
CA HIS B 135 -5.51 -12.74 -3.26
C HIS B 135 -5.76 -12.84 -4.77
N GLU B 136 -6.29 -11.77 -5.35
CA GLU B 136 -6.61 -11.78 -6.80
C GLU B 136 -6.00 -10.59 -7.55
N GLY B 137 -4.98 -10.01 -6.96
CA GLY B 137 -4.26 -8.86 -7.56
C GLY B 137 -5.24 -7.71 -7.90
N GLY B 138 -4.97 -7.07 -9.04
CA GLY B 138 -5.78 -5.94 -9.59
C GLY B 138 -6.35 -5.07 -8.46
N ASN B 139 -7.38 -4.29 -8.79
CA ASN B 139 -8.04 -3.42 -7.79
C ASN B 139 -9.24 -4.13 -7.15
N VAL B 140 -8.99 -5.40 -6.81
CA VAL B 140 -9.94 -6.26 -6.07
C VAL B 140 -9.80 -5.94 -4.58
N SER B 141 -10.91 -5.79 -3.90
CA SER B 141 -10.89 -5.45 -2.46
C SER B 141 -11.44 -6.61 -1.61
N VAL B 142 -11.15 -6.53 -0.31
CA VAL B 142 -11.61 -7.54 0.67
C VAL B 142 -12.84 -7.02 1.41
N LYS B 143 -13.79 -7.91 1.63
CA LYS B 143 -15.07 -7.51 2.24
C LYS B 143 -15.16 -7.84 3.74
N TYR B 144 -15.91 -6.94 4.33
CA TYR B 144 -16.24 -6.86 5.75
C TYR B 144 -16.12 -8.18 6.50
N THR B 145 -16.87 -9.19 6.11
CA THR B 145 -16.89 -10.44 6.90
C THR B 145 -15.58 -11.26 6.81
N PHE B 146 -14.51 -10.66 6.32
CA PHE B 146 -13.21 -11.37 6.21
C PHE B 146 -12.16 -10.74 7.10
N THR B 147 -12.33 -9.46 7.32
CA THR B 147 -11.40 -8.68 8.14
C THR B 147 -12.01 -8.49 9.54
N HIS B 148 -13.18 -9.07 9.72
CA HIS B 148 -13.95 -8.97 11.00
C HIS B 148 -14.22 -10.36 11.64
N PRO B 149 -13.24 -11.29 11.81
CA PRO B 149 -13.46 -12.62 12.49
C PRO B 149 -13.76 -12.54 14.02
N GLY B 150 -12.74 -12.19 14.84
CA GLY B 150 -12.86 -12.02 16.35
C GLY B 150 -12.50 -13.29 17.17
N GLU B 151 -13.38 -13.59 18.14
CA GLU B 151 -13.24 -14.75 19.06
C GLU B 151 -12.20 -15.72 18.53
N ARG B 152 -12.35 -15.91 17.25
CA ARG B 152 -11.61 -16.88 16.45
C ARG B 152 -10.29 -16.36 15.87
N GLY B 153 -10.40 -15.33 15.06
CA GLY B 153 -9.27 -14.76 14.33
C GLY B 153 -9.12 -15.54 13.01
N ILE B 154 -8.24 -15.03 12.15
CA ILE B 154 -7.95 -15.64 10.83
C ILE B 154 -6.66 -16.44 10.93
N ASP B 155 -6.45 -17.31 9.95
CA ASP B 155 -5.31 -18.23 10.00
C ASP B 155 -4.61 -18.36 8.63
N LEU B 156 -3.31 -18.07 8.68
CA LEU B 156 -2.42 -18.02 7.50
C LEU B 156 -1.98 -19.41 7.06
N SER B 157 -2.14 -20.34 7.96
CA SER B 157 -1.83 -21.74 7.69
C SER B 157 -3.05 -22.42 7.08
N SER B 158 -3.93 -21.60 6.49
CA SER B 158 -5.18 -22.08 5.83
C SER B 158 -5.19 -21.64 4.36
N ALA B 159 -6.35 -21.64 3.72
CA ALA B 159 -6.43 -21.25 2.30
C ALA B 159 -7.71 -20.48 1.92
N ASN B 160 -7.39 -19.49 1.13
CA ASN B 160 -8.24 -18.46 0.52
C ASN B 160 -9.69 -18.86 0.25
N GLU B 161 -10.52 -17.86 0.47
CA GLU B 161 -11.94 -17.88 0.12
C GLU B 161 -12.06 -16.75 -0.85
N VAL B 162 -13.15 -16.58 -1.51
CA VAL B 162 -13.13 -15.51 -2.48
C VAL B 162 -13.60 -14.21 -1.88
N GLY B 163 -12.63 -13.33 -1.99
CA GLY B 163 -12.65 -11.99 -1.46
C GLY B 163 -11.82 -12.04 -0.19
N GLY B 164 -11.41 -13.26 0.11
CA GLY B 164 -10.63 -13.60 1.30
C GLY B 164 -9.35 -12.78 1.34
N PRO B 165 -8.75 -12.54 2.50
CA PRO B 165 -7.53 -11.79 2.53
C PRO B 165 -6.53 -12.63 1.84
N VAL B 166 -5.31 -12.20 1.78
CA VAL B 166 -4.28 -13.13 1.30
C VAL B 166 -3.84 -13.88 2.53
N LYS B 167 -3.49 -15.11 2.44
CA LYS B 167 -3.09 -15.81 3.66
C LYS B 167 -1.59 -16.00 3.66
N ASP B 168 -0.84 -14.91 3.88
CA ASP B 168 0.62 -15.03 3.77
C ASP B 168 1.50 -14.25 4.72
N VAL B 169 2.31 -15.11 5.31
CA VAL B 169 3.35 -14.81 6.27
C VAL B 169 4.54 -14.20 5.59
N LEU B 170 4.84 -14.62 4.40
CA LEU B 170 6.01 -14.08 3.81
C LEU B 170 5.82 -12.60 3.51
N TYR B 171 4.60 -12.16 3.35
CA TYR B 171 4.40 -10.72 3.14
C TYR B 171 3.26 -10.19 4.00
N ASN B 172 3.21 -10.70 5.23
CA ASN B 172 2.22 -10.27 6.22
C ASN B 172 1.06 -9.65 5.49
N MET B 173 0.66 -10.41 4.53
CA MET B 173 -0.44 -10.12 3.66
C MET B 173 -0.58 -8.63 3.36
N ASN B 174 0.44 -8.06 2.71
CA ASN B 174 0.34 -6.64 2.29
C ASN B 174 1.54 -6.18 1.42
N GLY B 175 2.61 -6.97 1.39
CA GLY B 175 3.78 -6.67 0.51
C GLY B 175 5.04 -6.26 1.28
N THR B 176 5.14 -6.77 2.50
CA THR B 176 6.28 -6.46 3.39
C THR B 176 6.86 -7.76 4.00
N LEU B 177 8.13 -7.96 3.77
CA LEU B 177 8.84 -9.14 4.26
C LEU B 177 8.65 -9.31 5.75
N LEU B 178 8.23 -10.49 6.10
CA LEU B 178 7.96 -10.84 7.48
C LEU B 178 9.04 -10.26 8.42
N GLY B 179 10.26 -10.25 7.91
CA GLY B 179 11.49 -9.86 8.67
C GLY B 179 11.73 -8.35 8.85
N ASN B 180 10.76 -7.52 8.51
CA ASN B 180 10.90 -6.06 8.73
C ASN B 180 9.86 -5.63 9.70
N LEU B 181 9.16 -6.63 10.14
CA LEU B 181 8.05 -6.45 11.05
C LEU B 181 8.51 -5.83 12.36
N LEU B 182 9.65 -6.28 12.79
CA LEU B 182 10.23 -5.86 14.08
C LEU B 182 10.25 -4.34 14.26
N ILE B 183 9.80 -3.62 13.26
CA ILE B 183 9.80 -2.15 13.33
C ILE B 183 8.59 -1.68 14.12
N PHE B 184 7.78 -2.63 14.48
CA PHE B 184 6.62 -2.37 15.31
C PHE B 184 6.86 -2.96 16.68
N PRO B 185 6.00 -2.67 17.64
CA PRO B 185 6.13 -3.25 18.94
C PRO B 185 6.00 -4.72 18.75
N HIS B 186 6.55 -5.46 19.65
CA HIS B 186 6.51 -6.90 19.55
C HIS B 186 7.45 -7.52 20.53
N GLN B 187 7.39 -8.81 20.57
CA GLN B 187 8.37 -9.56 21.32
C GLN B 187 8.22 -11.03 21.01
N PHE B 188 9.27 -11.69 21.39
CA PHE B 188 9.43 -13.10 21.11
C PHE B 188 9.17 -13.96 22.32
N ILE B 189 8.43 -14.99 22.01
CA ILE B 189 8.28 -16.10 22.93
C ILE B 189 9.29 -17.09 22.45
N ASN B 190 10.24 -17.33 23.28
CA ASN B 190 11.31 -18.21 22.93
C ASN B 190 11.31 -19.37 23.87
N LEU B 191 10.54 -20.34 23.49
CA LEU B 191 10.32 -21.55 24.27
C LEU B 191 11.47 -21.85 25.27
N ARG B 192 12.66 -21.29 25.07
CA ARG B 192 13.79 -21.62 26.01
C ARG B 192 14.07 -20.51 27.06
N THR B 193 13.79 -19.26 26.76
CA THR B 193 14.00 -18.18 27.76
C THR B 193 12.68 -17.65 28.22
N ASN B 194 11.68 -18.22 27.63
CA ASN B 194 10.34 -17.73 27.78
C ASN B 194 9.28 -18.78 27.92
N ASN B 195 8.09 -18.21 27.78
CA ASN B 195 6.83 -18.92 27.75
C ASN B 195 5.73 -17.90 27.40
N THR B 196 5.73 -16.68 27.95
CA THR B 196 4.66 -15.74 27.54
C THR B 196 5.19 -14.43 27.00
N ALA B 197 4.24 -13.61 26.60
CA ALA B 197 4.51 -12.32 26.00
C ALA B 197 3.45 -11.31 26.41
N THR B 198 3.90 -10.08 26.39
CA THR B 198 3.06 -8.95 26.76
C THR B 198 3.33 -7.76 25.86
N ILE B 199 2.29 -6.97 25.81
CA ILE B 199 2.26 -5.72 25.09
C ILE B 199 1.07 -4.94 25.59
N VAL B 200 1.35 -3.73 25.98
CA VAL B 200 0.33 -2.81 26.44
C VAL B 200 0.15 -1.78 25.36
N ILE B 201 -1.02 -1.74 24.79
CA ILE B 201 -1.23 -0.88 23.63
C ILE B 201 -2.19 0.27 23.85
N PRO B 202 -1.63 1.49 23.75
CA PRO B 202 -2.35 2.76 23.81
C PRO B 202 -3.15 2.99 22.52
N TYR B 203 -4.25 3.75 22.58
CA TYR B 203 -5.08 4.06 21.37
C TYR B 203 -4.22 4.68 20.24
N ILE B 204 -4.04 3.94 19.16
CA ILE B 204 -3.32 4.49 17.99
C ILE B 204 -4.21 4.52 16.77
N ASN B 205 -4.54 5.73 16.46
CA ASN B 205 -5.37 6.10 15.31
C ASN B 205 -5.29 7.61 15.26
N SER B 206 -5.71 8.19 14.17
CA SER B 206 -5.51 9.63 13.99
C SER B 206 -6.72 10.51 14.31
N VAL B 207 -7.59 10.05 15.16
CA VAL B 207 -8.73 10.87 15.57
C VAL B 207 -8.90 10.77 17.06
N PRO B 208 -9.55 11.71 17.70
CA PRO B 208 -9.68 11.65 19.12
C PRO B 208 -10.34 10.38 19.48
N ILE B 209 -11.57 10.38 19.13
CA ILE B 209 -12.47 9.29 19.35
C ILE B 209 -12.93 8.81 18.00
N ASP B 210 -13.07 7.52 17.87
CA ASP B 210 -13.55 6.96 16.62
C ASP B 210 -14.38 5.70 16.87
N SER B 211 -14.87 5.22 15.75
CA SER B 211 -15.78 4.06 15.64
C SER B 211 -15.05 2.71 15.78
N MET B 212 -15.88 1.70 15.99
CA MET B 212 -15.43 0.31 16.19
C MET B 212 -16.27 -0.68 15.39
N THR B 213 -17.45 -0.28 15.00
CA THR B 213 -18.24 -1.19 14.18
C THR B 213 -17.49 -1.38 12.87
N ARG B 214 -17.25 -0.25 12.25
CA ARG B 214 -16.64 -0.20 10.92
C ARG B 214 -15.12 -0.07 10.92
N HIS B 215 -14.40 -0.59 11.90
CA HIS B 215 -12.94 -0.35 11.85
C HIS B 215 -12.14 -1.03 12.99
N ASN B 216 -10.91 -1.40 12.62
CA ASN B 216 -9.90 -2.05 13.52
C ASN B 216 -8.62 -1.19 13.53
N ASN B 217 -8.23 -0.69 14.70
CA ASN B 217 -7.06 0.24 14.78
C ASN B 217 -5.70 -0.47 14.97
N VAL B 218 -5.70 -1.79 14.95
CA VAL B 218 -4.44 -2.57 15.11
C VAL B 218 -4.74 -4.03 15.32
N SER B 219 -3.86 -4.85 14.82
CA SER B 219 -4.04 -6.27 15.00
C SER B 219 -2.78 -6.94 15.49
N LEU B 220 -3.08 -7.90 16.29
CA LEU B 220 -2.13 -8.77 16.89
C LEU B 220 -1.82 -9.85 15.90
N MET B 221 -0.58 -10.14 15.83
CA MET B 221 -0.13 -11.18 14.98
C MET B 221 0.87 -11.98 15.75
N VAL B 222 0.66 -13.25 15.66
CA VAL B 222 1.55 -14.25 16.22
C VAL B 222 2.07 -15.01 15.04
N ILE B 223 3.36 -15.16 14.94
CA ILE B 223 3.90 -15.84 13.76
C ILE B 223 5.18 -16.59 14.06
N PRO B 224 5.14 -17.93 14.00
CA PRO B 224 6.30 -18.77 14.30
C PRO B 224 7.50 -18.50 13.40
N ILE B 225 8.31 -17.53 13.80
CA ILE B 225 9.53 -17.15 13.04
C ILE B 225 10.49 -18.36 12.95
N ALA B 226 10.52 -19.18 14.00
CA ALA B 226 11.37 -20.42 14.05
C ALA B 226 10.55 -21.58 14.67
N PRO B 227 10.55 -22.71 13.97
CA PRO B 227 9.63 -23.89 14.15
C PRO B 227 9.55 -24.62 15.51
N LEU B 228 8.26 -24.98 15.87
CA LEU B 228 7.95 -25.82 17.07
C LEU B 228 8.49 -27.21 16.78
N THR B 229 9.33 -27.70 17.65
CA THR B 229 9.98 -28.98 17.40
C THR B 229 10.20 -29.72 18.73
N VAL B 230 9.20 -30.51 19.09
CA VAL B 230 9.15 -31.29 20.33
C VAL B 230 10.38 -32.22 20.47
N PRO B 231 10.51 -32.97 21.60
CA PRO B 231 11.65 -33.86 21.82
C PRO B 231 11.62 -34.98 20.83
N THR B 232 12.10 -36.13 21.28
CA THR B 232 11.99 -37.35 20.48
C THR B 232 10.76 -38.09 20.96
N GLY B 233 9.70 -37.81 20.24
CA GLY B 233 8.39 -38.40 20.47
C GLY B 233 7.68 -37.75 21.67
N ALA B 234 6.69 -36.97 21.30
CA ALA B 234 5.78 -36.26 22.21
C ALA B 234 4.79 -35.58 21.29
N THR B 235 3.74 -35.02 21.80
CA THR B 235 2.76 -34.47 20.85
C THR B 235 3.25 -33.10 20.33
N PRO B 236 3.56 -33.18 19.02
CA PRO B 236 4.07 -32.08 18.18
C PRO B 236 3.07 -30.99 17.97
N SER B 237 2.68 -30.41 19.07
CA SER B 237 1.70 -29.33 19.08
C SER B 237 1.65 -28.73 20.46
N LEU B 238 1.93 -27.45 20.49
CA LEU B 238 1.86 -26.69 21.71
C LEU B 238 0.80 -25.66 21.53
N PRO B 239 -0.19 -25.56 22.40
CA PRO B 239 -1.20 -24.59 22.22
C PRO B 239 -0.61 -23.28 22.44
N ILE B 240 -1.33 -22.38 21.92
CA ILE B 240 -1.09 -21.00 22.11
C ILE B 240 -2.42 -20.47 22.52
N THR B 241 -2.40 -19.67 23.53
CA THR B 241 -3.63 -19.09 24.02
C THR B 241 -3.38 -17.62 24.22
N VAL B 242 -4.24 -16.83 23.65
CA VAL B 242 -4.09 -15.40 23.74
C VAL B 242 -5.05 -14.81 24.76
N THR B 243 -4.63 -13.69 25.30
CA THR B 243 -5.46 -12.96 26.25
C THR B 243 -5.21 -11.48 26.12
N ILE B 244 -6.32 -10.82 26.05
CA ILE B 244 -6.40 -9.40 25.92
C ILE B 244 -7.39 -8.85 26.90
N ALA B 245 -7.09 -7.66 27.28
CA ALA B 245 -7.90 -6.91 28.21
C ALA B 245 -7.81 -5.46 27.83
N PRO B 246 -8.92 -4.88 27.40
CA PRO B 246 -8.99 -3.49 27.04
C PRO B 246 -8.81 -2.66 28.26
N MET B 247 -8.80 -1.34 28.07
CA MET B 247 -8.72 -0.40 29.20
C MET B 247 -8.64 1.06 28.72
N CYS B 248 -9.24 1.91 29.54
CA CYS B 248 -9.34 3.35 29.30
C CYS B 248 -10.37 3.57 28.22
N THR B 249 -11.21 2.58 28.20
CA THR B 249 -12.38 2.51 27.37
C THR B 249 -13.13 3.81 27.62
N GLU B 250 -13.85 4.23 26.61
CA GLU B 250 -14.57 5.50 26.63
C GLU B 250 -15.57 5.49 25.50
N PHE B 251 -16.80 5.18 25.83
CA PHE B 251 -17.88 5.09 24.82
C PHE B 251 -18.63 6.42 24.76
N SER B 252 -19.11 6.74 23.55
CA SER B 252 -19.77 8.03 23.31
C SER B 252 -20.88 7.97 22.24
N GLY B 253 -22.07 8.39 22.69
CA GLY B 253 -23.29 8.50 21.84
C GLY B 253 -23.99 7.14 21.65
N ILE B 254 -24.76 6.77 22.66
CA ILE B 254 -25.52 5.50 22.68
C ILE B 254 -26.70 5.56 21.71
N ARG B 255 -27.28 4.38 21.49
CA ARG B 255 -28.50 4.25 20.67
C ARG B 255 -28.73 2.82 20.13
N SER B 256 -29.82 2.79 19.39
CA SER B 256 -30.48 1.64 18.71
C SER B 256 -29.62 0.36 18.52
N LYS B 257 -28.43 0.33 19.06
CA LYS B 257 -27.54 -0.85 18.86
C LYS B 257 -27.30 -1.03 17.36
N SER B 258 -26.06 -1.31 17.02
CA SER B 258 -25.65 -1.47 15.61
C SER B 258 -25.91 -2.91 15.13
N ILE B 259 -26.04 -3.04 13.81
CA ILE B 259 -26.28 -4.34 13.14
C ILE B 259 -25.18 -4.60 12.11
N VAL B 260 -24.34 -5.57 12.36
CA VAL B 260 -23.23 -5.80 11.45
C VAL B 260 -23.43 -6.93 10.46
N PRO B 261 -22.86 -6.65 9.30
CA PRO B 261 -22.89 -7.51 8.16
C PRO B 261 -22.50 -8.87 8.51
N GLN B 262 -23.55 -9.55 8.22
CA GLN B 262 -23.76 -10.92 8.37
C GLN B 262 -24.73 -11.19 9.62
N GLY C 1 9.51 52.83 -10.28
CA GLY C 1 10.02 51.42 -10.63
C GLY C 1 11.54 51.18 -10.47
N LEU C 2 11.83 50.15 -9.67
CA LEU C 2 13.21 49.75 -9.27
C LEU C 2 13.92 48.78 -10.23
N PRO C 3 15.04 49.25 -10.79
CA PRO C 3 15.92 48.50 -11.70
C PRO C 3 16.55 47.24 -11.12
N THR C 4 16.28 46.19 -11.92
CA THR C 4 16.74 44.79 -11.78
C THR C 4 17.47 44.35 -13.05
N THR C 5 18.07 43.19 -12.91
CA THR C 5 18.75 42.45 -13.99
C THR C 5 18.56 40.98 -13.70
N THR C 6 18.06 40.24 -14.66
CA THR C 6 17.84 38.81 -14.41
C THR C 6 19.09 38.02 -14.77
N LEU C 7 19.39 37.12 -13.85
CA LEU C 7 20.55 36.23 -13.93
C LEU C 7 20.22 34.92 -14.63
N PRO C 8 21.24 34.20 -15.07
CA PRO C 8 21.06 32.91 -15.71
C PRO C 8 20.44 31.95 -14.74
N GLY C 9 19.43 31.26 -15.20
CA GLY C 9 18.76 30.26 -14.36
C GLY C 9 17.32 30.67 -14.10
N SER C 10 16.91 31.71 -14.79
CA SER C 10 15.53 32.16 -14.68
C SER C 10 14.66 30.97 -15.04
N GLY C 11 13.56 30.95 -14.31
CA GLY C 11 12.44 30.00 -14.46
C GLY C 11 12.82 28.51 -14.42
N GLN C 12 14.03 28.21 -14.01
CA GLN C 12 14.47 26.82 -13.93
C GLN C 12 13.71 26.10 -12.83
N PHE C 13 13.10 25.02 -13.21
CA PHE C 13 12.34 24.26 -12.26
C PHE C 13 13.18 23.21 -11.57
N LEU C 14 13.94 23.65 -10.60
CA LEU C 14 14.74 22.73 -9.79
C LEU C 14 13.78 22.21 -8.76
N THR C 15 13.75 20.93 -8.65
CA THR C 15 12.78 20.28 -7.80
C THR C 15 13.14 20.40 -6.30
N THR C 16 14.36 20.72 -6.01
CA THR C 16 14.87 20.73 -4.63
C THR C 16 14.81 22.14 -4.00
N ASP C 17 13.78 22.89 -4.36
CA ASP C 17 13.69 24.30 -3.95
C ASP C 17 12.66 24.58 -2.84
N ASP C 18 13.23 25.23 -1.83
CA ASP C 18 12.57 25.61 -0.55
C ASP C 18 11.85 26.97 -0.62
N ARG C 19 11.44 27.36 -1.79
CA ARG C 19 10.94 28.72 -2.04
C ARG C 19 9.59 29.08 -1.44
N GLN C 20 9.34 30.39 -1.50
CA GLN C 20 8.08 30.91 -1.02
C GLN C 20 7.09 30.86 -2.16
N SER C 21 5.91 30.45 -1.79
CA SER C 21 4.80 30.22 -2.71
C SER C 21 3.45 30.51 -2.06
N PRO C 22 2.52 31.08 -2.86
CA PRO C 22 1.14 31.49 -2.44
C PRO C 22 0.18 30.35 -1.99
N SER C 23 -0.91 30.71 -1.26
CA SER C 23 -1.91 29.71 -0.76
C SER C 23 -3.12 29.63 -1.70
N ALA C 24 -3.30 28.50 -2.33
CA ALA C 24 -4.43 28.34 -3.25
C ALA C 24 -5.74 28.45 -2.48
N LEU C 25 -5.66 28.10 -1.21
CA LEU C 25 -6.81 28.18 -0.31
C LEU C 25 -6.49 29.13 0.81
N PRO C 26 -6.67 30.40 0.57
CA PRO C 26 -6.37 31.41 1.54
C PRO C 26 -7.28 31.31 2.73
N ASN C 27 -6.86 32.03 3.74
CA ASN C 27 -7.61 32.20 4.99
C ASN C 27 -8.13 30.86 5.57
N TYR C 28 -7.83 29.75 4.92
CA TYR C 28 -8.30 28.41 5.35
C TYR C 28 -7.55 27.89 6.59
N GLU C 29 -8.31 27.47 7.61
CA GLU C 29 -7.70 26.93 8.85
C GLU C 29 -8.02 25.45 9.07
N PRO C 30 -6.91 24.78 9.31
CA PRO C 30 -6.74 23.34 9.44
C PRO C 30 -7.37 22.68 10.62
N THR C 31 -7.34 21.35 10.50
CA THR C 31 -7.81 20.46 11.55
C THR C 31 -6.73 20.40 12.62
N PRO C 32 -7.15 20.72 13.83
CA PRO C 32 -6.28 20.84 14.97
C PRO C 32 -5.52 19.57 15.20
N ARG C 33 -4.22 19.69 15.20
CA ARG C 33 -3.40 18.51 15.40
C ARG C 33 -3.53 18.07 16.84
N ILE C 34 -3.66 16.78 16.96
CA ILE C 34 -3.74 16.12 18.23
C ILE C 34 -2.46 15.35 18.43
N HIS C 35 -2.55 14.33 19.23
CA HIS C 35 -1.38 13.58 19.63
C HIS C 35 -1.37 12.15 19.13
N ILE C 36 -0.18 11.66 18.85
CA ILE C 36 -0.08 10.27 18.44
C ILE C 36 1.21 9.64 18.85
N PRO C 37 1.07 8.49 19.47
CA PRO C 37 2.19 7.81 20.01
C PRO C 37 3.12 7.57 18.91
N GLY C 38 4.36 7.45 19.25
CA GLY C 38 5.37 7.13 18.25
C GLY C 38 5.41 8.17 17.16
N LYS C 39 6.53 8.81 17.10
CA LYS C 39 6.66 9.87 16.17
C LYS C 39 8.07 10.06 15.68
N VAL C 40 8.22 9.97 14.38
CA VAL C 40 9.54 10.08 13.76
C VAL C 40 9.94 11.50 13.45
N HIS C 41 11.23 11.64 13.59
CA HIS C 41 11.93 12.88 13.35
C HIS C 41 12.98 12.69 12.30
N ASN C 42 13.67 11.58 12.41
CA ASN C 42 14.82 11.39 11.55
C ASN C 42 15.12 9.93 11.31
N LEU C 43 14.86 9.54 10.08
CA LEU C 43 15.07 8.15 9.62
C LEU C 43 16.02 7.41 10.53
N LEU C 44 17.05 8.11 10.86
CA LEU C 44 18.12 7.60 11.67
C LEU C 44 17.64 7.19 13.06
N GLU C 45 16.43 7.51 13.41
CA GLU C 45 15.96 7.06 14.72
C GLU C 45 15.37 5.70 14.59
N ILE C 46 14.79 5.46 13.46
CA ILE C 46 14.15 4.19 13.27
C ILE C 46 15.08 3.14 12.77
N ILE C 47 16.14 3.49 12.10
CA ILE C 47 17.00 2.41 11.63
C ILE C 47 17.96 1.97 12.71
N GLN C 48 17.64 2.33 13.93
CA GLN C 48 18.45 1.90 15.06
C GLN C 48 17.77 0.76 15.77
N VAL C 49 16.81 0.22 15.05
CA VAL C 49 16.06 -0.96 15.47
C VAL C 49 16.56 -2.14 14.71
N ASP C 50 16.22 -3.30 15.20
CA ASP C 50 16.65 -4.45 14.46
C ASP C 50 15.53 -5.17 13.78
N THR C 51 16.00 -5.73 12.72
CA THR C 51 15.27 -6.47 11.75
C THR C 51 16.07 -7.75 11.59
N LEU C 52 15.51 -8.70 10.88
CA LEU C 52 16.19 -9.99 10.65
C LEU C 52 16.80 -9.99 9.26
N ILE C 53 18.03 -10.45 9.20
CA ILE C 53 18.69 -10.64 7.90
C ILE C 53 18.40 -12.04 7.47
N PRO C 54 17.96 -12.30 6.26
CA PRO C 54 17.77 -13.66 5.82
C PRO C 54 19.06 -14.27 5.42
N MET C 55 20.00 -14.40 6.29
CA MET C 55 21.28 -14.84 5.78
C MET C 55 21.27 -16.20 5.08
N ASN C 56 20.10 -16.75 4.80
CA ASN C 56 20.02 -18.11 4.24
C ASN C 56 19.26 -18.20 2.89
N ASN C 57 19.43 -17.18 2.08
CA ASN C 57 18.77 -17.03 0.75
C ASN C 57 18.50 -18.37 0.00
N THR C 58 19.57 -19.15 -0.14
CA THR C 58 19.64 -20.45 -0.88
C THR C 58 18.31 -21.17 -1.09
N HIS C 59 17.41 -20.51 -1.76
CA HIS C 59 16.12 -21.11 -2.03
C HIS C 59 15.69 -20.89 -3.43
N THR C 60 14.69 -21.65 -3.72
CA THR C 60 14.03 -21.59 -4.96
C THR C 60 13.14 -20.33 -4.88
N LYS C 61 12.47 -20.14 -3.73
CA LYS C 61 11.58 -18.96 -3.49
C LYS C 61 12.06 -18.14 -2.26
N ASP C 62 11.16 -17.24 -1.82
CA ASP C 62 11.35 -16.42 -0.59
C ASP C 62 10.86 -17.26 0.56
N GLU C 63 11.54 -17.25 1.67
CA GLU C 63 11.12 -18.17 2.71
C GLU C 63 11.34 -17.68 4.11
N VAL C 64 10.31 -17.97 4.88
CA VAL C 64 10.33 -17.72 6.31
C VAL C 64 11.61 -18.30 6.85
N ASN C 65 12.09 -19.26 6.06
CA ASN C 65 13.26 -20.05 6.41
C ASN C 65 14.54 -19.46 5.88
N SER C 66 14.47 -18.67 4.84
CA SER C 66 15.69 -18.06 4.36
C SER C 66 16.28 -17.23 5.51
N TYR C 67 15.55 -17.25 6.62
CA TYR C 67 15.89 -16.46 7.82
C TYR C 67 16.61 -17.28 8.89
N LEU C 68 16.48 -18.56 8.79
CA LEU C 68 17.00 -19.46 9.82
C LEU C 68 18.40 -19.98 9.52
N ILE C 69 19.36 -19.33 10.18
CA ILE C 69 20.76 -19.75 10.15
C ILE C 69 20.84 -21.04 10.98
N PRO C 70 20.76 -22.22 10.35
CA PRO C 70 20.75 -23.51 11.05
C PRO C 70 22.04 -23.82 11.75
N LEU C 71 21.91 -24.78 12.66
CA LEU C 71 23.03 -25.30 13.45
C LEU C 71 23.04 -26.81 13.41
N ASN C 72 24.22 -27.33 13.21
CA ASN C 72 24.39 -28.76 13.09
C ASN C 72 25.14 -29.33 14.28
N ALA C 73 24.35 -30.20 14.87
CA ALA C 73 24.65 -30.94 16.08
C ALA C 73 25.82 -31.91 15.93
N ASN C 74 26.70 -31.75 16.90
CA ASN C 74 27.90 -32.60 17.15
C ASN C 74 29.00 -32.50 16.07
N ARG C 75 29.11 -31.35 15.41
CA ARG C 75 30.19 -31.09 14.39
C ARG C 75 31.25 -30.19 15.03
N GLN C 76 32.18 -29.64 14.26
CA GLN C 76 33.20 -28.78 14.92
C GLN C 76 34.21 -28.17 13.93
N ASN C 77 34.70 -26.98 14.29
CA ASN C 77 35.74 -26.25 13.50
C ASN C 77 35.21 -25.76 12.15
N GLU C 78 34.04 -26.24 11.86
CA GLU C 78 33.29 -25.97 10.62
C GLU C 78 32.79 -24.54 10.56
N GLN C 79 32.33 -24.17 9.38
CA GLN C 79 31.78 -22.84 9.15
C GLN C 79 30.25 -22.86 9.32
N VAL C 80 29.70 -21.73 9.76
CA VAL C 80 28.24 -21.60 9.96
C VAL C 80 27.61 -20.68 8.92
N PHE C 81 28.33 -19.65 8.58
CA PHE C 81 27.89 -18.74 7.53
C PHE C 81 29.00 -17.78 7.20
N GLY C 82 28.65 -16.90 6.32
CA GLY C 82 29.56 -15.89 5.85
C GLY C 82 28.80 -14.94 4.94
N THR C 83 29.51 -13.90 4.63
CA THR C 83 29.04 -12.83 3.77
C THR C 83 29.96 -11.65 3.94
N ASN C 84 29.72 -10.68 3.11
CA ASN C 84 30.49 -9.44 3.09
C ASN C 84 29.58 -8.31 3.49
N LEU C 85 30.13 -7.14 3.64
CA LEU C 85 29.31 -6.05 4.11
C LEU C 85 29.20 -4.94 3.12
N PHE C 86 28.23 -5.20 2.32
CA PHE C 86 27.68 -4.31 1.33
C PHE C 86 26.24 -4.25 1.71
N ILE C 87 26.06 -3.57 2.81
CA ILE C 87 24.76 -3.39 3.43
C ILE C 87 23.81 -2.74 2.46
N GLY C 88 24.31 -2.54 1.26
CA GLY C 88 23.52 -1.97 0.18
C GLY C 88 23.29 -3.04 -0.87
N ASP C 89 23.21 -4.26 -0.38
CA ASP C 89 23.04 -5.43 -1.24
C ASP C 89 22.79 -6.72 -0.44
N GLY C 90 22.95 -7.80 -1.19
CA GLY C 90 22.80 -9.19 -0.75
C GLY C 90 21.75 -9.32 0.34
N VAL C 91 22.01 -10.26 1.21
CA VAL C 91 21.16 -10.53 2.37
C VAL C 91 20.45 -9.24 2.76
N PHE C 92 21.30 -8.34 3.18
CA PHE C 92 20.98 -7.00 3.71
C PHE C 92 20.04 -6.16 2.84
N LYS C 93 20.05 -6.40 1.54
CA LYS C 93 19.26 -5.57 0.60
C LYS C 93 17.75 -5.52 0.94
N THR C 94 17.27 -6.31 1.88
CA THR C 94 15.81 -6.34 2.17
C THR C 94 15.44 -6.11 3.64
N THR C 95 16.26 -5.35 4.31
CA THR C 95 16.02 -5.02 5.72
C THR C 95 15.76 -3.52 5.83
N LEU C 96 15.25 -3.16 6.96
CA LEU C 96 14.95 -1.79 7.19
C LEU C 96 16.22 -0.92 7.09
N LEU C 97 17.38 -1.54 7.27
CA LEU C 97 18.68 -0.82 7.19
C LEU C 97 19.07 -0.68 5.72
N GLY C 98 18.73 -1.71 5.00
CA GLY C 98 18.92 -1.70 3.57
C GLY C 98 17.98 -0.65 3.03
N GLU C 99 16.82 -1.17 2.65
CA GLU C 99 15.71 -0.43 2.02
C GLU C 99 15.82 1.14 2.25
N ILE C 100 16.27 1.60 3.44
CA ILE C 100 16.44 3.08 3.85
C ILE C 100 17.78 3.60 3.47
N VAL C 101 18.77 2.91 3.94
CA VAL C 101 20.11 3.27 3.60
C VAL C 101 20.23 3.21 2.11
N GLN C 102 19.34 2.44 1.53
CA GLN C 102 19.36 2.34 0.10
C GLN C 102 18.97 3.69 -0.48
N TYR C 103 18.10 4.39 0.23
CA TYR C 103 17.56 5.66 -0.26
C TYR C 103 18.65 6.77 -0.42
N TYR C 104 19.81 6.55 0.20
CA TYR C 104 20.96 7.52 0.17
C TYR C 104 22.18 6.95 -0.52
N THR C 105 23.15 7.79 -0.82
CA THR C 105 24.30 7.30 -1.59
C THR C 105 25.57 7.04 -0.80
N HIS C 106 25.74 7.75 0.26
CA HIS C 106 26.96 7.68 1.05
C HIS C 106 26.65 7.23 2.48
N TRP C 107 27.45 6.34 3.06
CA TRP C 107 27.15 5.97 4.45
C TRP C 107 28.43 5.79 5.28
N SER C 108 28.19 5.72 6.57
CA SER C 108 29.24 5.50 7.57
C SER C 108 28.63 5.40 8.97
N GLY C 109 29.42 4.78 9.82
CA GLY C 109 29.04 4.47 11.22
C GLY C 109 29.43 3.02 11.45
N SER C 110 28.93 2.41 12.50
CA SER C 110 29.26 0.99 12.77
C SER C 110 27.99 0.20 12.97
N LEU C 111 27.86 -0.84 12.21
CA LEU C 111 26.70 -1.69 12.34
C LEU C 111 26.85 -2.48 13.63
N ARG C 112 25.70 -2.79 14.17
CA ARG C 112 25.55 -3.69 15.33
C ARG C 112 24.82 -4.85 14.72
N PHE C 113 25.33 -5.98 14.95
CA PHE C 113 24.79 -7.16 14.35
C PHE C 113 24.50 -8.11 15.45
N SER C 114 23.26 -8.50 15.57
CA SER C 114 22.86 -9.35 16.70
C SER C 114 22.72 -10.82 16.24
N LEU C 115 22.59 -11.77 17.20
CA LEU C 115 22.51 -13.23 16.84
C LEU C 115 21.88 -14.07 18.00
N MET C 116 20.66 -14.59 17.80
CA MET C 116 19.90 -15.28 18.89
C MET C 116 19.60 -16.79 18.64
N TYR C 117 20.05 -17.61 19.55
CA TYR C 117 19.88 -19.07 19.48
C TYR C 117 18.50 -19.46 20.05
N THR C 118 17.94 -20.55 19.47
CA THR C 118 16.59 -21.09 19.83
C THR C 118 16.62 -22.60 20.04
N GLY C 119 17.75 -23.06 20.49
CA GLY C 119 18.00 -24.48 20.73
C GLY C 119 17.44 -24.86 22.08
N PRO C 120 17.12 -26.14 22.28
CA PRO C 120 16.44 -26.57 23.45
C PRO C 120 17.20 -26.13 24.60
N ALA C 121 16.49 -25.53 25.45
CA ALA C 121 17.02 -25.01 26.67
C ALA C 121 18.30 -25.76 27.10
N LEU C 122 18.17 -27.07 27.17
CA LEU C 122 19.22 -27.93 27.75
C LEU C 122 20.40 -28.33 26.85
N SER C 123 20.47 -27.72 25.71
CA SER C 123 21.58 -27.94 24.75
C SER C 123 22.55 -26.80 24.89
N SER C 124 23.77 -27.01 24.49
CA SER C 124 24.75 -25.93 24.61
C SER C 124 25.48 -25.72 23.32
N ALA C 125 26.35 -24.78 23.39
CA ALA C 125 27.15 -24.39 22.27
C ALA C 125 27.97 -23.22 22.69
N LYS C 126 29.03 -23.11 22.00
CA LYS C 126 29.96 -22.03 22.20
C LYS C 126 30.58 -21.78 20.85
N LEU C 127 30.08 -20.82 20.11
CA LEU C 127 30.73 -20.52 18.82
C LEU C 127 31.32 -19.12 18.87
N ILE C 128 31.74 -18.65 17.71
CA ILE C 128 32.50 -17.39 17.60
C ILE C 128 32.09 -16.59 16.37
N LEU C 129 31.92 -15.29 16.54
CA LEU C 129 31.62 -14.39 15.40
C LEU C 129 32.88 -13.73 14.98
N ALA C 130 32.87 -13.00 13.90
CA ALA C 130 34.15 -12.39 13.52
C ALA C 130 34.08 -11.56 12.25
N TYR C 131 34.47 -10.31 12.44
CA TYR C 131 34.57 -9.33 11.34
C TYR C 131 35.97 -9.37 10.81
N THR C 132 36.04 -9.40 9.53
CA THR C 132 37.31 -9.37 8.85
C THR C 132 37.33 -8.14 7.99
N PRO C 133 38.07 -7.13 8.44
CA PRO C 133 38.16 -5.90 7.73
C PRO C 133 38.76 -6.22 6.41
N PRO C 134 38.80 -5.23 5.54
CA PRO C 134 39.29 -5.30 4.10
C PRO C 134 40.81 -5.58 3.78
N GLY C 135 41.20 -6.65 2.98
CA GLY C 135 42.67 -6.85 2.60
C GLY C 135 43.00 -8.26 2.06
N ALA C 136 42.40 -9.18 2.73
CA ALA C 136 42.39 -10.59 2.40
C ALA C 136 40.94 -10.87 2.14
N ARG C 137 40.57 -12.06 2.39
CA ARG C 137 39.27 -12.46 2.00
C ARG C 137 38.63 -13.33 3.03
N GLY C 138 37.39 -13.60 2.70
CA GLY C 138 36.60 -14.49 3.50
C GLY C 138 37.59 -15.35 4.21
N PRO C 139 37.58 -15.36 5.52
CA PRO C 139 38.53 -16.13 6.22
C PRO C 139 38.14 -17.42 5.77
N GLN C 140 38.95 -18.38 5.65
CA GLN C 140 38.32 -19.58 5.18
C GLN C 140 38.57 -20.71 6.12
N ASP C 141 38.33 -20.42 7.37
CA ASP C 141 38.52 -21.38 8.42
C ASP C 141 38.88 -20.64 9.68
N ARG C 142 38.58 -21.26 10.77
CA ARG C 142 38.75 -20.59 12.01
C ARG C 142 40.02 -19.79 12.05
N ARG C 143 41.08 -20.44 12.47
CA ARG C 143 42.33 -19.74 12.61
C ARG C 143 42.23 -18.45 11.77
N GLU C 144 42.47 -18.53 10.46
CA GLU C 144 42.45 -17.29 9.62
C GLU C 144 41.38 -16.28 10.08
N ALA C 145 40.20 -16.73 10.45
CA ALA C 145 39.17 -15.78 10.89
C ALA C 145 39.63 -15.06 12.15
N MET C 146 39.78 -15.87 13.16
CA MET C 146 40.12 -15.44 14.51
C MET C 146 41.17 -14.33 14.60
N LEU C 147 41.92 -14.05 13.57
CA LEU C 147 42.91 -12.96 13.75
C LEU C 147 42.34 -11.64 13.30
N GLY C 148 41.05 -11.58 13.33
CA GLY C 148 40.33 -10.36 13.00
C GLY C 148 39.45 -10.04 14.19
N THR C 149 38.84 -8.91 14.17
CA THR C 149 37.97 -8.61 15.24
C THR C 149 36.95 -9.70 15.30
N HIS C 150 36.81 -10.26 16.44
CA HIS C 150 35.92 -11.36 16.55
C HIS C 150 35.48 -11.47 18.01
N VAL C 151 34.58 -12.39 18.30
CA VAL C 151 34.03 -12.48 19.65
C VAL C 151 33.52 -13.88 20.04
N VAL C 152 34.29 -14.59 20.84
CA VAL C 152 33.78 -15.87 21.34
C VAL C 152 32.49 -15.57 22.10
N TRP C 153 31.55 -16.49 22.05
CA TRP C 153 30.24 -16.33 22.74
C TRP C 153 29.77 -17.64 23.33
N ASP C 154 29.58 -17.65 24.63
CA ASP C 154 29.09 -18.84 25.32
C ASP C 154 27.58 -18.75 25.47
N ILE C 155 26.93 -19.80 25.01
CA ILE C 155 25.48 -19.86 25.06
C ILE C 155 25.01 -20.29 26.45
N GLY C 156 24.17 -19.41 26.94
CA GLY C 156 23.50 -19.52 28.21
C GLY C 156 22.20 -18.73 28.12
N LEU C 157 21.50 -18.70 29.22
CA LEU C 157 20.21 -18.00 29.37
C LEU C 157 20.08 -16.84 28.36
N GLN C 158 21.12 -16.01 28.28
CA GLN C 158 21.12 -14.86 27.35
C GLN C 158 21.24 -15.34 25.92
N SER C 159 20.09 -15.52 25.33
CA SER C 159 19.99 -16.01 23.96
C SER C 159 20.86 -15.18 23.01
N THR C 160 20.84 -13.88 23.22
CA THR C 160 21.51 -12.97 22.29
C THR C 160 22.87 -12.47 22.73
N ILE C 161 23.71 -12.52 21.73
CA ILE C 161 25.04 -11.95 21.76
C ILE C 161 25.05 -10.87 20.70
N VAL C 162 25.52 -9.73 21.12
CA VAL C 162 25.57 -8.56 20.26
C VAL C 162 26.99 -8.23 19.88
N MET C 163 27.34 -8.60 18.69
CA MET C 163 28.64 -8.25 18.17
C MET C 163 28.49 -6.95 17.43
N THR C 164 29.52 -6.17 17.47
CA THR C 164 29.53 -4.87 16.81
C THR C 164 30.71 -4.77 15.87
N ILE C 165 30.37 -4.45 14.65
CA ILE C 165 31.35 -4.26 13.57
C ILE C 165 31.92 -2.85 13.67
N PRO C 166 33.14 -2.73 14.16
CA PRO C 166 33.76 -1.46 14.33
C PRO C 166 33.97 -0.86 13.01
N TRP C 167 33.56 0.35 12.89
CA TRP C 167 33.81 1.06 11.66
C TRP C 167 35.33 1.15 11.51
N THR C 168 35.87 0.41 10.55
CA THR C 168 37.32 0.40 10.33
C THR C 168 37.64 0.66 8.87
N SER C 169 37.82 1.93 8.56
CA SER C 169 38.11 2.35 7.20
C SER C 169 39.02 3.58 7.16
N GLY C 170 39.76 3.63 6.07
CA GLY C 170 40.66 4.73 5.74
C GLY C 170 39.80 5.95 5.44
N VAL C 171 39.29 5.98 4.23
CA VAL C 171 38.35 7.02 3.82
C VAL C 171 37.27 7.04 4.90
N GLN C 172 36.51 8.11 4.99
CA GLN C 172 35.52 8.24 6.07
C GLN C 172 34.06 8.22 5.60
N PHE C 173 33.83 7.54 4.51
CA PHE C 173 32.47 7.40 3.94
C PHE C 173 32.49 6.36 2.88
N ARG C 174 31.38 5.70 2.68
CA ARG C 174 31.38 4.65 1.69
C ARG C 174 30.11 4.67 0.86
N TYR C 175 30.39 4.49 -0.41
CA TYR C 175 29.38 4.38 -1.45
C TYR C 175 28.43 3.26 -1.01
N THR C 176 27.16 3.61 -0.83
CA THR C 176 26.15 2.61 -0.42
C THR C 176 26.10 1.50 -1.45
N ASP C 177 25.98 1.94 -2.69
CA ASP C 177 25.99 1.02 -3.81
C ASP C 177 27.34 0.33 -3.81
N PRO C 178 27.43 -0.91 -4.22
CA PRO C 178 28.68 -1.62 -4.15
C PRO C 178 29.78 -0.94 -4.97
N ASP C 179 30.95 -0.89 -4.33
CA ASP C 179 32.25 -0.42 -4.93
C ASP C 179 33.39 -0.93 -4.06
N THR C 180 34.47 -1.28 -4.73
CA THR C 180 35.63 -1.92 -4.11
C THR C 180 36.57 -0.96 -3.37
N TYR C 181 36.82 0.22 -3.88
CA TYR C 181 37.66 1.16 -3.10
C TYR C 181 36.93 1.38 -1.78
N THR C 182 35.65 1.67 -1.97
CA THR C 182 34.70 1.93 -0.89
C THR C 182 34.07 0.63 -0.39
N SER C 183 34.89 -0.40 -0.32
CA SER C 183 34.46 -1.72 0.15
C SER C 183 34.43 -1.74 1.68
N ALA C 184 33.59 -2.63 2.20
CA ALA C 184 33.33 -2.74 3.65
C ALA C 184 34.14 -3.88 4.31
N GLY C 185 34.12 -5.05 3.71
CA GLY C 185 34.86 -6.20 4.25
C GLY C 185 33.96 -7.44 4.34
N PHE C 186 34.16 -8.19 5.42
CA PHE C 186 33.44 -9.46 5.64
C PHE C 186 33.15 -9.75 7.11
N LEU C 187 32.56 -10.93 7.29
CA LEU C 187 32.19 -11.47 8.60
C LEU C 187 31.68 -12.92 8.43
N SER C 188 31.91 -13.70 9.48
CA SER C 188 31.59 -15.14 9.49
C SER C 188 30.90 -15.59 10.80
N CYS C 189 31.40 -16.71 11.30
CA CYS C 189 30.92 -17.37 12.55
C CYS C 189 31.23 -18.87 12.48
N TRP C 190 32.07 -19.33 13.38
CA TRP C 190 32.48 -20.73 13.36
C TRP C 190 32.29 -21.40 14.69
N TYR C 191 32.06 -22.69 14.58
CA TYR C 191 31.93 -23.53 15.75
C TYR C 191 33.17 -23.38 16.57
N GLN C 192 33.03 -22.69 17.65
CA GLN C 192 34.14 -22.56 18.54
C GLN C 192 34.64 -23.95 18.83
N THR C 193 33.67 -24.71 19.29
CA THR C 193 33.87 -26.08 19.71
C THR C 193 32.77 -26.96 19.07
N SER C 194 31.52 -26.70 19.38
CA SER C 194 30.43 -27.49 18.77
C SER C 194 29.09 -27.37 19.51
N LEU C 195 28.09 -27.90 18.82
CA LEU C 195 26.71 -27.91 19.31
C LEU C 195 26.33 -29.27 19.87
N ILE C 196 26.07 -29.21 21.15
CA ILE C 196 25.64 -30.37 21.92
C ILE C 196 24.12 -30.43 21.88
N LEU C 197 23.63 -31.61 22.15
CA LEU C 197 22.18 -31.86 22.16
C LEU C 197 21.81 -32.78 23.32
N PRO C 198 20.78 -32.43 24.09
CA PRO C 198 20.33 -33.24 25.21
C PRO C 198 19.82 -34.58 24.78
N PRO C 199 19.81 -35.60 25.65
CA PRO C 199 19.25 -36.88 25.28
C PRO C 199 17.79 -36.73 25.01
N GLU C 200 17.28 -37.65 24.21
CA GLU C 200 15.83 -37.73 23.88
C GLU C 200 15.32 -36.51 23.04
N THR C 201 16.25 -35.76 22.45
CA THR C 201 15.92 -34.61 21.55
C THR C 201 16.71 -34.80 20.24
N THR C 202 16.43 -34.00 19.20
CA THR C 202 17.10 -34.30 17.90
C THR C 202 16.95 -33.21 16.79
N GLY C 203 17.81 -33.42 15.74
CA GLY C 203 17.83 -32.62 14.46
C GLY C 203 18.84 -31.46 14.44
N GLN C 204 18.30 -30.32 14.01
CA GLN C 204 19.01 -29.03 13.97
C GLN C 204 18.25 -28.00 14.79
N VAL C 205 19.01 -27.01 15.18
CA VAL C 205 18.52 -25.86 15.94
C VAL C 205 18.89 -24.63 15.11
N TYR C 206 18.67 -23.45 15.62
CA TYR C 206 18.94 -22.29 14.78
C TYR C 206 19.33 -21.03 15.53
N LEU C 207 19.86 -20.18 14.67
CA LEU C 207 20.27 -18.82 14.97
C LEU C 207 19.42 -17.87 14.12
N LEU C 208 18.97 -16.85 14.77
CA LEU C 208 18.28 -15.75 14.11
C LEU C 208 19.28 -14.65 14.04
N SER C 209 19.18 -13.79 13.09
CA SER C 209 20.12 -12.70 13.05
C SER C 209 19.38 -11.43 12.74
N PHE C 210 19.91 -10.40 13.30
CA PHE C 210 19.41 -9.08 13.09
C PHE C 210 20.57 -8.17 12.88
N ILE C 211 20.25 -7.06 12.33
CA ILE C 211 21.21 -6.03 12.12
C ILE C 211 20.53 -4.71 12.28
N SER C 212 21.11 -3.93 13.13
CA SER C 212 20.66 -2.57 13.38
C SER C 212 21.85 -1.66 13.17
N ALA C 213 21.56 -0.38 13.13
CA ALA C 213 22.58 0.65 12.94
C ALA C 213 22.93 1.25 14.30
N CYS C 214 24.09 1.88 14.35
CA CYS C 214 24.60 2.39 15.62
C CYS C 214 24.32 3.86 15.89
N PRO C 215 24.76 4.31 17.07
CA PRO C 215 24.52 5.66 17.52
C PRO C 215 25.19 6.58 16.59
N ASP C 216 26.30 6.07 16.12
CA ASP C 216 27.21 6.80 15.26
C ASP C 216 26.82 6.77 13.78
N PHE C 217 25.94 5.89 13.37
CA PHE C 217 25.61 5.79 11.93
C PHE C 217 25.56 7.17 11.25
N LYS C 218 25.88 7.15 9.95
CA LYS C 218 25.94 8.36 9.09
C LYS C 218 25.47 8.06 7.64
N LEU C 219 24.69 9.00 7.11
CA LEU C 219 24.12 8.92 5.74
C LEU C 219 23.89 10.32 5.15
N ARG C 220 24.33 10.48 3.90
CA ARG C 220 24.14 11.75 3.16
C ARG C 220 23.88 11.49 1.66
N LEU C 221 23.64 12.59 0.97
CA LEU C 221 23.32 12.63 -0.47
C LEU C 221 22.18 11.66 -0.77
N MET C 222 21.04 12.26 -1.00
CA MET C 222 19.82 11.53 -1.26
C MET C 222 19.69 11.14 -2.73
N LYS C 223 19.65 9.85 -2.91
CA LYS C 223 19.46 9.22 -4.22
C LYS C 223 18.08 8.57 -4.22
N ASP C 224 17.74 8.04 -5.35
CA ASP C 224 16.47 7.34 -5.54
C ASP C 224 16.72 5.87 -5.39
N THR C 225 15.72 5.10 -5.00
CA THR C 225 16.02 3.69 -4.86
C THR C 225 15.29 2.81 -5.85
N GLN C 226 16.21 2.00 -6.32
CA GLN C 226 16.10 0.92 -7.31
C GLN C 226 15.03 -0.11 -6.99
N THR C 227 14.97 -0.42 -5.72
CA THR C 227 14.14 -1.48 -5.17
C THR C 227 12.66 -1.44 -5.62
N ILE C 228 12.21 -0.33 -6.18
CA ILE C 228 10.80 -0.25 -6.60
C ILE C 228 10.69 0.11 -8.07
N SER C 229 9.47 -0.02 -8.58
CA SER C 229 9.19 0.28 -9.97
C SER C 229 7.73 0.06 -10.34
N GLN C 230 7.42 0.74 -11.41
CA GLN C 230 6.14 0.71 -12.06
C GLN C 230 6.40 1.08 -13.52
N THR C 231 6.02 0.17 -14.37
CA THR C 231 6.16 0.35 -15.80
C THR C 231 5.20 1.41 -16.25
N VAL C 232 4.08 1.40 -15.55
CA VAL C 232 2.95 2.28 -15.84
C VAL C 232 2.30 2.84 -14.57
N ALA C 233 1.45 3.82 -14.87
CA ALA C 233 0.62 4.54 -13.90
C ALA C 233 -0.40 3.57 -13.33
N LEU C 234 -0.67 3.72 -12.06
CA LEU C 234 -1.56 2.81 -11.34
C LEU C 234 -3.00 3.26 -11.45
N THR C 235 -3.88 2.40 -10.97
CA THR C 235 -5.29 2.70 -11.16
C THR C 235 -6.18 2.46 -9.97
N GLU C 236 -7.13 3.33 -10.08
CA GLU C 236 -8.26 3.41 -9.22
C GLU C 236 -9.15 2.16 -9.47
N ILE D 29 12.92 35.94 5.10
CA ILE D 29 11.76 37.04 5.22
C ILE D 29 10.42 36.74 4.49
N ASN D 30 9.30 36.85 5.23
CA ASN D 30 7.99 36.32 4.73
C ASN D 30 7.16 37.30 3.87
N TYR D 31 7.07 37.02 2.56
CA TYR D 31 6.29 37.89 1.65
C TYR D 31 4.81 37.51 1.60
N TYR D 32 4.45 36.36 2.15
CA TYR D 32 3.04 35.94 2.10
C TYR D 32 2.36 35.88 3.42
N LYS D 33 1.15 36.28 3.24
CA LYS D 33 0.14 36.43 4.24
C LYS D 33 -0.21 35.10 4.92
N ASP D 34 0.34 33.96 4.50
CA ASP D 34 -0.12 32.68 5.11
C ASP D 34 0.98 31.79 5.72
N ALA D 35 0.54 30.54 5.92
CA ALA D 35 1.31 29.46 6.58
C ALA D 35 1.90 28.46 5.58
N ALA D 36 1.16 28.18 4.53
CA ALA D 36 1.69 27.32 3.46
C ALA D 36 2.67 28.19 2.71
N SER D 37 2.23 29.43 2.65
CA SER D 37 2.95 30.52 2.03
C SER D 37 4.41 30.42 2.41
N THR D 38 4.64 30.02 3.66
CA THR D 38 6.00 29.87 4.18
C THR D 38 6.71 28.71 3.52
N SER D 39 8.02 28.85 3.52
CA SER D 39 8.93 27.85 2.96
C SER D 39 9.27 26.83 4.03
N SER D 40 10.05 25.83 3.61
CA SER D 40 10.47 24.75 4.50
C SER D 40 11.09 25.33 5.77
N ALA D 41 11.09 24.47 6.80
CA ALA D 41 11.57 24.81 8.16
C ALA D 41 13.03 24.39 8.40
N GLY D 42 13.27 23.09 8.48
CA GLY D 42 14.62 22.56 8.72
C GLY D 42 14.73 21.84 10.09
N GLN D 43 15.89 21.20 10.24
CA GLN D 43 16.34 20.35 11.40
C GLN D 43 15.52 20.52 12.71
N SER D 44 14.82 19.41 12.98
CA SER D 44 13.98 19.17 14.18
C SER D 44 14.89 19.08 15.41
N LEU D 45 15.86 18.21 15.21
CA LEU D 45 16.99 17.90 16.12
C LEU D 45 16.54 17.47 17.53
N SER D 46 15.43 16.76 17.58
CA SER D 46 14.89 16.22 18.85
C SER D 46 15.42 14.78 19.00
N MET D 47 15.15 14.02 17.96
CA MET D 47 15.64 12.64 17.80
C MET D 47 15.72 11.85 19.10
N ASP D 48 14.73 11.00 19.29
CA ASP D 48 14.74 10.09 20.42
C ASP D 48 14.39 8.68 20.01
N PRO D 49 15.37 7.80 19.95
CA PRO D 49 15.12 6.42 19.65
C PRO D 49 14.15 5.82 20.68
N SER D 50 14.56 5.81 21.94
CA SER D 50 13.75 5.25 23.03
C SER D 50 12.39 4.72 22.51
N LYS D 51 11.58 5.65 22.06
CA LYS D 51 10.23 5.37 21.54
C LYS D 51 10.17 4.03 20.79
N PHE D 52 11.23 3.69 20.05
CA PHE D 52 11.25 2.43 19.28
C PHE D 52 12.37 1.49 19.72
N THR D 53 13.50 2.06 20.05
CA THR D 53 14.68 1.29 20.45
C THR D 53 14.42 0.46 21.71
N GLU D 54 13.78 1.07 22.70
CA GLU D 54 13.59 0.37 23.99
C GLU D 54 12.29 0.65 24.71
N PRO D 55 11.12 0.40 24.11
CA PRO D 55 9.86 0.51 24.84
C PRO D 55 9.67 -0.54 25.94
N VAL D 56 10.70 -0.90 26.71
CA VAL D 56 10.48 -1.86 27.85
C VAL D 56 9.88 -1.09 29.03
N LYS D 57 8.93 -1.73 29.68
CA LYS D 57 8.31 -1.14 30.86
C LYS D 57 9.33 -1.17 31.99
N ASP D 58 9.59 -2.37 32.46
CA ASP D 58 10.64 -2.63 33.45
C ASP D 58 11.97 -2.36 32.70
N LEU D 59 12.54 -1.18 32.92
CA LEU D 59 13.72 -0.70 32.13
C LEU D 59 15.02 -1.46 32.33
N MET D 60 15.64 -1.63 31.18
CA MET D 60 16.88 -2.36 31.00
C MET D 60 18.08 -1.45 30.83
N LEU D 61 19.04 -1.91 31.55
CA LEU D 61 20.35 -1.32 31.69
C LEU D 61 21.34 -2.01 30.78
N LYS D 62 22.12 -1.19 30.12
CA LYS D 62 23.21 -1.71 29.32
C LYS D 62 24.33 -2.03 30.31
N GLY D 63 24.70 -3.29 30.37
CA GLY D 63 25.78 -3.75 31.25
C GLY D 63 25.27 -4.62 32.39
N ALA D 64 23.98 -4.87 32.38
CA ALA D 64 23.35 -5.70 33.41
C ALA D 64 22.68 -6.91 32.79
N PRO D 65 22.80 -8.08 33.40
CA PRO D 65 22.13 -9.26 32.89
C PRO D 65 20.63 -8.98 32.66
N ALA D 66 20.34 -8.96 31.33
CA ALA D 66 19.01 -8.69 30.64
C ALA D 66 17.81 -9.09 31.50
N LEU D 67 17.59 -10.38 31.60
CA LEU D 67 16.61 -10.85 32.57
C LEU D 67 17.19 -12.05 33.30
N ASN D 68 17.23 -11.63 34.50
CA ASN D 68 17.73 -12.20 35.71
C ASN D 68 16.99 -13.55 36.23
N GLN E 1 -26.06 8.30 -16.63
CA GLN E 1 -27.22 7.91 -15.70
C GLN E 1 -28.55 8.27 -16.29
N ILE E 2 -28.47 8.99 -17.38
CA ILE E 2 -29.66 9.32 -18.13
C ILE E 2 -30.23 7.96 -18.56
N VAL E 3 -31.33 7.58 -17.92
CA VAL E 3 -31.96 6.27 -18.16
C VAL E 3 -32.82 6.28 -19.43
N LEU E 4 -32.35 5.44 -20.35
CA LEU E 4 -32.91 5.24 -21.70
C LEU E 4 -34.13 4.30 -21.67
N THR E 5 -34.94 4.45 -22.71
CA THR E 5 -36.16 3.64 -22.91
C THR E 5 -36.62 3.69 -24.38
N GLN E 6 -36.46 2.55 -25.05
CA GLN E 6 -36.93 2.38 -26.43
C GLN E 6 -38.47 2.53 -26.39
N SER E 7 -39.03 3.31 -27.31
CA SER E 7 -40.49 3.63 -27.29
C SER E 7 -41.35 2.35 -27.33
N PRO E 8 -41.96 1.77 -28.40
CA PRO E 8 -42.69 0.55 -28.16
C PRO E 8 -41.68 -0.40 -27.58
N ALA E 9 -42.13 -1.54 -27.13
CA ALA E 9 -41.20 -2.56 -26.62
C ALA E 9 -40.86 -3.47 -27.79
N ILE E 10 -41.88 -3.56 -28.60
CA ILE E 10 -41.90 -4.32 -29.84
C ILE E 10 -43.34 -4.45 -30.30
N MET E 11 -43.45 -4.57 -31.60
CA MET E 11 -44.72 -4.73 -32.29
C MET E 11 -44.57 -5.86 -33.30
N SER E 12 -44.74 -5.44 -34.53
CA SER E 12 -44.63 -6.25 -35.73
C SER E 12 -44.99 -5.33 -36.88
N ALA E 13 -44.29 -5.48 -37.98
CA ALA E 13 -44.51 -4.60 -39.13
C ALA E 13 -44.58 -5.38 -40.43
N PHE E 14 -45.77 -5.34 -41.01
CA PHE E 14 -46.01 -5.91 -42.33
C PHE E 14 -45.12 -5.15 -43.27
N PRO E 15 -44.28 -5.72 -44.12
CA PRO E 15 -43.48 -4.87 -44.95
C PRO E 15 -44.42 -3.90 -45.61
N GLY E 16 -44.03 -2.64 -45.63
CA GLY E 16 -44.85 -1.55 -46.21
C GLY E 16 -45.31 -0.60 -45.10
N GLU E 17 -45.66 -1.23 -43.99
CA GLU E 17 -46.08 -0.54 -42.73
C GLU E 17 -44.95 0.40 -42.32
N LYS E 18 -45.14 1.72 -42.24
CA LYS E 18 -43.98 2.53 -41.80
C LYS E 18 -43.79 2.44 -40.30
N VAL E 19 -42.53 2.26 -39.99
CA VAL E 19 -42.03 2.04 -38.65
C VAL E 19 -41.35 3.30 -38.06
N THR E 20 -41.76 3.58 -36.81
CA THR E 20 -41.24 4.69 -35.95
C THR E 20 -41.03 4.19 -34.51
N ILE E 21 -39.82 4.37 -34.07
CA ILE E 21 -39.37 3.98 -32.71
C ILE E 21 -39.00 5.24 -31.96
N THR E 22 -38.77 5.09 -30.67
CA THR E 22 -38.36 6.23 -29.87
C THR E 22 -37.62 5.81 -28.62
N CYS E 23 -36.79 6.74 -28.24
CA CYS E 23 -35.99 6.68 -27.04
C CYS E 23 -36.44 7.82 -26.16
N SER E 24 -36.55 7.53 -24.90
CA SER E 24 -36.96 8.52 -23.93
C SER E 24 -36.07 8.43 -22.71
N ALA E 25 -34.97 9.13 -22.78
CA ALA E 25 -34.04 9.19 -21.67
C ALA E 25 -34.61 10.14 -20.63
N THR E 26 -34.18 9.98 -19.41
CA THR E 26 -34.66 10.84 -18.33
C THR E 26 -34.27 12.29 -18.61
N SER E 27 -32.97 12.51 -18.53
CA SER E 27 -32.39 13.84 -18.71
C SER E 27 -32.09 14.11 -20.19
N SER E 28 -31.20 15.06 -20.37
CA SER E 28 -30.85 15.56 -21.69
C SER E 28 -29.59 14.93 -22.26
N VAL E 29 -29.88 14.18 -23.29
CA VAL E 29 -28.91 13.55 -24.16
C VAL E 29 -29.01 14.31 -25.46
N ASN E 30 -27.90 14.80 -25.91
CA ASN E 30 -27.89 15.61 -27.12
C ASN E 30 -27.77 14.75 -28.35
N TYR E 31 -27.14 13.61 -28.22
CA TYR E 31 -26.95 12.86 -29.42
C TYR E 31 -27.17 11.40 -29.23
N MET E 32 -28.24 11.13 -29.94
CA MET E 32 -28.87 9.86 -30.12
C MET E 32 -28.15 9.08 -31.18
N HIS E 33 -27.60 8.01 -30.72
CA HIS E 33 -26.90 7.05 -31.55
C HIS E 33 -27.74 5.79 -31.56
N TRP E 34 -28.20 5.43 -32.73
CA TRP E 34 -29.07 4.27 -32.88
C TRP E 34 -28.28 3.09 -33.48
N PHE E 35 -28.29 2.03 -32.67
CA PHE E 35 -27.66 0.73 -32.95
C PHE E 35 -28.77 -0.31 -33.23
N GLN E 36 -28.44 -1.35 -34.00
CA GLN E 36 -29.43 -2.41 -34.32
C GLN E 36 -28.76 -3.79 -34.30
N GLN E 37 -29.55 -4.82 -34.01
CA GLN E 37 -29.01 -6.16 -33.92
C GLN E 37 -29.96 -7.28 -34.38
N LYS E 38 -29.60 -7.80 -35.52
CA LYS E 38 -30.17 -9.03 -36.04
C LYS E 38 -29.31 -10.07 -35.33
N PRO E 39 -29.83 -10.86 -34.40
CA PRO E 39 -28.99 -11.67 -33.53
C PRO E 39 -28.02 -12.53 -34.29
N GLY E 40 -26.99 -12.89 -33.54
CA GLY E 40 -25.88 -13.71 -34.02
C GLY E 40 -24.81 -12.80 -34.64
N THR E 41 -24.97 -11.53 -34.33
CA THR E 41 -24.10 -10.47 -34.82
C THR E 41 -23.76 -9.47 -33.74
N SER E 42 -22.70 -8.75 -34.01
CA SER E 42 -22.26 -7.65 -33.15
C SER E 42 -23.27 -6.53 -33.33
N PRO E 43 -23.65 -5.76 -32.31
CA PRO E 43 -24.63 -4.71 -32.52
C PRO E 43 -24.06 -3.75 -33.54
N LYS E 44 -24.86 -3.12 -34.38
CA LYS E 44 -24.22 -2.22 -35.36
C LYS E 44 -24.95 -0.90 -35.65
N LEU E 45 -24.03 0.07 -35.66
CA LEU E 45 -24.16 1.53 -35.90
C LEU E 45 -25.10 1.81 -37.07
N TRP E 46 -26.33 2.19 -36.71
CA TRP E 46 -27.39 2.48 -37.68
C TRP E 46 -27.47 3.96 -38.00
N ILE E 47 -27.78 4.71 -36.99
CA ILE E 47 -27.91 6.14 -37.13
C ILE E 47 -27.09 6.80 -36.06
N TYR E 48 -26.12 7.56 -36.45
CA TYR E 48 -25.37 8.30 -35.45
C TYR E 48 -25.94 9.68 -35.34
N SER E 49 -25.48 10.28 -34.30
CA SER E 49 -25.73 11.67 -33.97
C SER E 49 -27.14 12.12 -34.38
N SER E 50 -28.05 11.73 -33.50
CA SER E 50 -29.49 12.06 -33.53
C SER E 50 -30.21 11.55 -34.78
N SER E 51 -29.78 11.99 -35.97
CA SER E 51 -30.53 11.68 -37.22
C SER E 51 -29.72 11.16 -38.43
N ASN E 52 -28.47 10.79 -38.29
CA ASN E 52 -27.70 10.41 -39.49
C ASN E 52 -27.69 8.93 -39.80
N LEU E 53 -28.21 8.65 -40.98
CA LEU E 53 -28.20 7.31 -41.51
C LEU E 53 -26.73 6.93 -41.67
N ALA E 54 -26.32 6.08 -40.76
CA ALA E 54 -24.97 5.55 -40.76
C ALA E 54 -24.65 5.09 -42.17
N SER E 55 -23.67 4.23 -42.27
CA SER E 55 -23.24 3.70 -43.57
C SER E 55 -23.97 2.39 -43.87
N GLY E 56 -24.59 2.36 -45.03
CA GLY E 56 -25.30 1.18 -45.52
C GLY E 56 -26.69 1.04 -44.87
N VAL E 57 -26.99 1.92 -43.95
CA VAL E 57 -28.30 1.92 -43.27
C VAL E 57 -29.30 2.59 -44.23
N PRO E 58 -30.17 1.80 -44.90
CA PRO E 58 -31.07 2.29 -45.95
C PRO E 58 -31.94 3.47 -45.56
N ALA E 59 -32.46 4.05 -46.67
CA ALA E 59 -33.27 5.30 -46.73
C ALA E 59 -34.65 5.25 -46.02
N ARG E 60 -35.31 4.11 -46.01
CA ARG E 60 -36.63 4.06 -45.33
C ARG E 60 -36.47 4.66 -43.93
N PHE E 61 -35.30 4.36 -43.41
CA PHE E 61 -34.84 4.77 -42.07
C PHE E 61 -34.67 6.30 -41.98
N SER E 62 -34.43 6.71 -40.76
CA SER E 62 -34.23 8.11 -40.34
C SER E 62 -34.67 8.23 -38.86
N GLY E 63 -34.85 9.45 -38.40
CA GLY E 63 -35.27 9.70 -36.99
C GLY E 63 -34.78 11.08 -36.53
N SER E 64 -34.90 11.35 -35.23
CA SER E 64 -34.51 12.67 -34.70
C SER E 64 -34.71 12.83 -33.19
N GLY E 65 -35.25 14.02 -32.91
CA GLY E 65 -35.64 14.52 -31.58
C GLY E 65 -34.49 15.26 -30.87
N SER E 66 -34.63 15.31 -29.55
CA SER E 66 -33.60 15.89 -28.69
C SER E 66 -34.08 16.20 -27.27
N GLY E 67 -33.11 16.72 -26.56
CA GLY E 67 -33.18 17.04 -25.15
C GLY E 67 -33.26 15.72 -24.41
N THR E 68 -34.47 15.25 -24.42
CA THR E 68 -34.91 14.02 -23.76
C THR E 68 -35.07 12.85 -24.70
N SER E 69 -36.15 12.96 -25.45
CA SER E 69 -36.63 11.89 -26.32
C SER E 69 -36.45 12.19 -27.82
N TYR E 70 -35.75 11.23 -28.39
CA TYR E 70 -35.40 11.11 -29.80
C TYR E 70 -36.21 9.95 -30.39
N SER E 71 -35.97 9.63 -31.66
CA SER E 71 -36.73 8.55 -32.34
C SER E 71 -36.00 8.02 -33.60
N LEU E 72 -36.69 7.04 -34.23
CA LEU E 72 -36.26 6.36 -35.47
C LEU E 72 -37.48 6.20 -36.41
N THR E 73 -37.20 5.99 -37.71
CA THR E 73 -38.23 5.78 -38.79
C THR E 73 -37.70 4.78 -39.84
N ILE E 74 -38.61 4.11 -40.49
CA ILE E 74 -38.33 3.21 -41.63
C ILE E 74 -39.64 3.28 -42.51
N SER E 75 -39.70 4.29 -43.40
CA SER E 75 -40.89 4.67 -44.29
C SER E 75 -41.91 3.51 -44.54
N ARG E 76 -41.51 2.32 -44.14
CA ARG E 76 -42.29 1.09 -44.32
C ARG E 76 -41.35 -0.05 -44.01
N MET E 77 -41.75 -0.92 -43.12
CA MET E 77 -40.86 -2.02 -42.78
C MET E 77 -40.76 -3.01 -43.92
N GLU E 78 -39.70 -3.78 -43.83
CA GLU E 78 -39.38 -4.86 -44.77
C GLU E 78 -39.29 -6.16 -44.04
N ALA E 79 -38.34 -6.89 -44.54
CA ALA E 79 -37.93 -8.15 -43.96
C ALA E 79 -36.76 -7.82 -43.05
N GLU E 80 -35.79 -7.20 -43.68
CA GLU E 80 -34.54 -6.77 -43.06
C GLU E 80 -34.78 -5.66 -42.02
N ASP E 81 -35.92 -5.78 -41.35
CA ASP E 81 -36.34 -4.80 -40.31
C ASP E 81 -36.60 -5.52 -38.98
N ALA E 82 -37.15 -6.71 -39.10
CA ALA E 82 -37.45 -7.55 -37.93
C ALA E 82 -36.16 -7.86 -37.18
N ALA E 83 -35.60 -6.80 -36.60
CA ALA E 83 -34.36 -6.84 -35.81
C ALA E 83 -34.63 -6.16 -34.46
N THR E 84 -33.58 -5.90 -33.71
CA THR E 84 -33.71 -5.23 -32.41
C THR E 84 -33.01 -3.89 -32.46
N TYR E 85 -33.61 -2.96 -31.76
CA TYR E 85 -33.12 -1.61 -31.82
C TYR E 85 -32.72 -1.08 -30.48
N TYR E 86 -31.65 -0.35 -30.62
CA TYR E 86 -30.99 0.31 -29.54
C TYR E 86 -30.71 1.75 -29.87
N CYS E 87 -31.40 2.59 -29.16
CA CYS E 87 -31.07 3.98 -29.15
C CYS E 87 -29.82 3.97 -28.31
N GLN E 88 -29.12 5.05 -28.17
CA GLN E 88 -27.92 4.98 -27.35
C GLN E 88 -27.41 6.38 -27.02
N GLN E 89 -27.27 6.58 -25.72
CA GLN E 89 -26.80 7.85 -25.14
C GLN E 89 -25.28 7.80 -24.98
N ARG E 90 -24.67 8.94 -25.27
CA ARG E 90 -23.21 9.12 -25.20
C ARG E 90 -22.85 10.41 -24.46
N SER E 91 -23.87 11.25 -24.30
CA SER E 91 -23.76 12.59 -23.67
C SER E 91 -23.33 12.49 -22.18
N SER E 92 -24.17 11.85 -21.35
CA SER E 92 -23.86 11.67 -19.90
C SER E 92 -22.77 10.60 -19.81
N TYR E 93 -22.09 10.43 -18.67
CA TYR E 93 -20.90 9.57 -18.77
C TYR E 93 -21.01 8.05 -18.54
N PRO E 94 -21.51 7.34 -17.52
CA PRO E 94 -21.41 5.92 -17.65
C PRO E 94 -22.06 5.53 -18.97
N ILE E 95 -21.63 6.21 -20.05
CA ILE E 95 -22.18 5.99 -21.42
C ILE E 95 -23.14 4.78 -21.38
N THR E 96 -24.41 5.04 -21.67
CA THR E 96 -25.49 4.01 -21.57
C THR E 96 -26.34 3.87 -22.86
N PHE E 97 -26.49 2.60 -23.28
CA PHE E 97 -27.28 2.19 -24.48
C PHE E 97 -28.80 2.28 -24.16
N GLY E 98 -29.61 2.04 -25.19
CA GLY E 98 -31.10 2.14 -25.11
C GLY E 98 -31.73 1.01 -24.27
N SER E 99 -32.89 0.57 -24.74
CA SER E 99 -33.68 -0.52 -24.13
C SER E 99 -33.88 -1.64 -25.17
N GLY E 100 -34.70 -1.36 -26.17
CA GLY E 100 -34.86 -2.35 -27.24
C GLY E 100 -36.25 -2.37 -27.86
N THR E 101 -36.41 -1.55 -28.88
CA THR E 101 -37.58 -1.65 -29.71
C THR E 101 -37.22 -2.74 -30.71
N LYS E 102 -37.55 -3.93 -30.30
CA LYS E 102 -37.34 -5.10 -31.12
C LYS E 102 -38.25 -4.92 -32.34
N LEU E 103 -37.65 -4.66 -33.49
CA LEU E 103 -38.45 -4.45 -34.71
C LEU E 103 -39.02 -5.77 -35.17
N GLU E 104 -40.28 -5.69 -35.45
CA GLU E 104 -41.05 -6.85 -35.79
C GLU E 104 -41.68 -6.78 -37.18
N ILE E 105 -41.58 -7.95 -37.78
CA ILE E 105 -42.08 -8.27 -39.12
C ILE E 105 -43.45 -8.91 -39.04
N LYS E 106 -44.24 -8.51 -40.00
CA LYS E 106 -45.60 -9.00 -40.15
C LYS E 106 -45.73 -9.77 -41.47
N ARG E 107 -46.35 -10.93 -41.33
CA ARG E 107 -46.66 -11.84 -42.46
C ARG E 107 -48.02 -12.51 -42.20
N ALA E 108 -48.42 -13.26 -43.22
CA ALA E 108 -49.68 -14.01 -43.28
C ALA E 108 -49.65 -15.24 -42.35
N ASP E 109 -50.82 -15.86 -42.24
CA ASP E 109 -51.07 -17.00 -41.33
C ASP E 109 -51.09 -18.33 -42.19
N ALA E 110 -50.28 -19.33 -41.70
CA ALA E 110 -50.01 -20.61 -42.46
C ALA E 110 -50.33 -22.17 -41.69
N GLN F 1 -10.21 -1.04 -43.46
CA GLN F 1 -10.57 -0.73 -42.01
C GLN F 1 -10.63 -1.85 -40.99
N GLY F 2 -9.85 -1.39 -39.99
CA GLY F 2 -9.46 -2.01 -38.71
C GLY F 2 -10.33 -3.15 -38.29
N GLN F 3 -9.92 -3.72 -37.19
CA GLN F 3 -10.59 -4.87 -36.65
C GLN F 3 -10.40 -5.03 -35.17
N LEU F 4 -11.50 -5.45 -34.62
CA LEU F 4 -11.62 -5.78 -33.23
C LEU F 4 -11.89 -7.28 -33.15
N GLN F 5 -10.83 -8.00 -33.43
CA GLN F 5 -10.80 -9.46 -33.34
C GLN F 5 -10.76 -9.77 -31.84
N GLN F 6 -11.59 -10.70 -31.42
CA GLN F 6 -11.71 -11.00 -29.99
C GLN F 6 -11.20 -12.39 -29.61
N SER F 7 -11.07 -12.53 -28.30
CA SER F 7 -10.66 -13.78 -27.63
C SER F 7 -11.67 -14.87 -27.98
N GLY F 8 -11.50 -16.06 -27.42
CA GLY F 8 -12.38 -17.21 -27.78
C GLY F 8 -13.11 -17.83 -26.56
N ALA F 9 -14.37 -18.19 -26.86
CA ALA F 9 -15.31 -18.85 -25.93
C ALA F 9 -14.60 -19.24 -24.66
N GLU F 10 -15.13 -18.75 -23.56
CA GLU F 10 -14.52 -18.96 -22.26
C GLU F 10 -15.41 -19.73 -21.30
N LEU F 11 -14.77 -20.68 -20.66
CA LEU F 11 -15.35 -21.42 -19.55
C LEU F 11 -14.42 -21.31 -18.39
N VAL F 12 -14.97 -20.69 -17.40
CA VAL F 12 -14.30 -20.42 -16.16
C VAL F 12 -15.09 -21.00 -15.01
N ARG F 13 -14.35 -21.61 -14.11
CA ARG F 13 -14.94 -22.13 -12.89
C ARG F 13 -15.27 -20.92 -12.03
N PRO F 14 -16.37 -20.89 -11.28
CA PRO F 14 -16.72 -19.71 -10.51
C PRO F 14 -15.62 -19.36 -9.54
N GLY F 15 -15.52 -18.07 -9.27
CA GLY F 15 -14.56 -17.51 -8.29
C GLY F 15 -13.24 -17.09 -8.96
N SER F 16 -13.05 -17.56 -10.17
CA SER F 16 -11.83 -17.26 -10.95
C SER F 16 -11.93 -15.86 -11.55
N SER F 17 -11.06 -15.66 -12.52
CA SER F 17 -10.96 -14.40 -13.27
C SER F 17 -10.25 -14.70 -14.59
N VAL F 18 -10.91 -14.35 -15.69
CA VAL F 18 -10.33 -14.59 -17.01
C VAL F 18 -10.16 -13.30 -17.79
N LYS F 19 -9.37 -13.47 -18.81
CA LYS F 19 -9.05 -12.39 -19.72
C LYS F 19 -9.33 -12.79 -21.15
N ILE F 20 -10.24 -12.04 -21.69
CA ILE F 20 -10.58 -12.11 -23.09
C ILE F 20 -9.83 -10.96 -23.72
N SER F 21 -9.59 -11.05 -24.99
CA SER F 21 -8.81 -10.03 -25.64
C SER F 21 -9.53 -9.39 -26.79
N CYS F 22 -8.72 -8.59 -27.43
CA CYS F 22 -9.09 -7.81 -28.59
C CYS F 22 -7.78 -7.33 -29.22
N LYS F 23 -7.88 -7.06 -30.52
CA LYS F 23 -6.76 -6.57 -31.37
C LYS F 23 -7.24 -5.79 -32.60
N ALA F 24 -6.71 -4.59 -32.69
CA ALA F 24 -6.98 -3.64 -33.78
C ALA F 24 -6.14 -4.01 -35.00
N SER F 25 -6.75 -3.83 -36.16
CA SER F 25 -6.11 -4.21 -37.42
C SER F 25 -6.47 -3.27 -38.60
N GLY F 26 -5.69 -2.19 -38.76
CA GLY F 26 -5.83 -1.29 -39.93
C GLY F 26 -6.50 0.09 -39.63
N TYR F 27 -6.11 0.63 -38.49
CA TYR F 27 -6.51 1.95 -37.93
C TYR F 27 -5.57 2.11 -36.74
N ALA F 28 -5.29 3.31 -36.26
CA ALA F 28 -4.21 3.44 -35.22
C ALA F 28 -4.64 3.29 -33.74
N PHE F 29 -4.76 2.05 -33.34
CA PHE F 29 -5.06 1.61 -31.95
C PHE F 29 -4.82 2.75 -30.95
N SER F 30 -3.56 3.14 -30.91
CA SER F 30 -3.02 4.16 -30.00
C SER F 30 -3.72 5.52 -30.09
N SER F 31 -4.85 5.57 -30.77
CA SER F 31 -5.57 6.85 -30.94
C SER F 31 -6.98 6.83 -30.33
N PHE F 32 -7.75 5.81 -30.64
CA PHE F 32 -9.13 5.69 -30.12
C PHE F 32 -9.22 4.67 -29.03
N TRP F 33 -10.33 4.76 -28.37
CA TRP F 33 -10.63 3.92 -27.24
C TRP F 33 -11.23 2.58 -27.72
N VAL F 34 -11.41 1.78 -26.70
CA VAL F 34 -12.02 0.48 -26.75
C VAL F 34 -12.99 0.41 -25.59
N ASN F 35 -14.24 0.32 -25.92
CA ASN F 35 -15.24 0.16 -24.88
C ASN F 35 -15.48 -1.33 -24.79
N TRP F 36 -16.15 -1.75 -23.76
CA TRP F 36 -16.49 -3.18 -23.62
C TRP F 36 -17.94 -3.22 -23.14
N VAL F 37 -18.72 -4.11 -23.71
CA VAL F 37 -20.12 -4.20 -23.32
C VAL F 37 -20.50 -5.64 -22.99
N LYS F 38 -21.19 -5.73 -21.87
CA LYS F 38 -21.65 -6.99 -21.30
C LYS F 38 -23.13 -7.22 -21.63
N GLN F 39 -23.34 -7.56 -22.86
CA GLN F 39 -24.67 -7.93 -23.30
C GLN F 39 -24.85 -9.39 -22.96
N ARG F 40 -25.48 -9.63 -21.84
CA ARG F 40 -25.74 -11.00 -21.39
C ARG F 40 -26.73 -11.65 -22.36
N PRO F 41 -27.09 -12.93 -22.18
CA PRO F 41 -28.09 -13.59 -23.05
C PRO F 41 -29.48 -13.00 -22.87
N GLY F 42 -30.10 -12.61 -23.99
CA GLY F 42 -31.44 -11.97 -23.98
C GLY F 42 -31.36 -10.72 -23.12
N GLN F 43 -30.10 -10.31 -22.96
CA GLN F 43 -29.68 -9.16 -22.14
C GLN F 43 -29.12 -8.01 -23.01
N GLY F 44 -29.12 -6.85 -22.38
CA GLY F 44 -28.80 -5.56 -22.99
C GLY F 44 -27.31 -5.35 -23.30
N LEU F 45 -27.15 -4.33 -24.12
CA LEU F 45 -25.86 -3.83 -24.55
C LEU F 45 -25.34 -2.96 -23.41
N GLU F 46 -24.72 -3.68 -22.47
CA GLU F 46 -24.12 -3.16 -21.18
C GLU F 46 -22.70 -2.59 -21.44
N TRP F 47 -22.33 -1.58 -20.64
CA TRP F 47 -21.02 -0.86 -20.80
C TRP F 47 -20.12 -1.09 -19.59
N ILE F 48 -19.04 -1.81 -19.80
CA ILE F 48 -18.09 -2.08 -18.73
C ILE F 48 -17.22 -0.86 -18.49
N GLY F 49 -16.34 -0.60 -19.42
CA GLY F 49 -15.44 0.53 -19.31
C GLY F 49 -15.14 1.12 -20.68
N GLN F 50 -13.93 1.57 -20.76
CA GLN F 50 -13.38 2.17 -21.95
C GLN F 50 -12.01 2.65 -21.58
N ILE F 51 -11.08 2.28 -22.40
CA ILE F 51 -9.68 2.55 -22.16
C ILE F 51 -9.06 3.20 -23.37
N TYR F 52 -8.05 3.96 -23.10
CA TYR F 52 -7.35 4.67 -24.14
C TYR F 52 -5.88 4.27 -24.13
N PRO F 53 -5.42 3.66 -25.22
CA PRO F 53 -4.06 3.14 -25.32
C PRO F 53 -3.06 4.23 -25.17
N GLY F 54 -3.43 5.29 -25.86
CA GLY F 54 -2.69 6.56 -26.05
C GLY F 54 -1.87 7.04 -24.83
N ASP F 55 -2.38 6.83 -23.63
CA ASP F 55 -1.62 7.22 -22.42
C ASP F 55 -2.10 6.40 -21.22
N GLY F 56 -3.19 5.68 -21.45
CA GLY F 56 -3.77 4.82 -20.42
C GLY F 56 -4.96 5.52 -19.76
N ASP F 57 -5.28 6.66 -20.34
CA ASP F 57 -6.44 7.47 -19.91
C ASP F 57 -7.68 6.57 -20.03
N ASN F 58 -8.58 6.62 -19.04
CA ASN F 58 -9.79 5.76 -19.07
C ASN F 58 -10.88 6.16 -18.06
N LYS F 59 -11.91 5.29 -18.10
CA LYS F 59 -13.15 5.36 -17.26
C LYS F 59 -13.83 3.96 -17.21
N TYR F 60 -14.55 3.69 -16.10
CA TYR F 60 -15.35 2.43 -15.92
C TYR F 60 -16.79 2.77 -15.45
N ASN F 61 -17.74 1.87 -15.74
CA ASN F 61 -19.11 2.00 -15.21
C ASN F 61 -19.07 1.36 -13.82
N GLY F 62 -19.63 2.10 -12.89
CA GLY F 62 -19.65 1.77 -11.46
C GLY F 62 -20.19 0.35 -11.15
N LYS F 63 -20.66 -0.43 -12.12
CA LYS F 63 -21.06 -1.81 -11.75
C LYS F 63 -19.79 -2.60 -11.58
N PHE F 64 -18.97 -2.40 -12.59
CA PHE F 64 -17.72 -3.13 -12.78
C PHE F 64 -16.52 -2.54 -12.10
N LYS F 65 -16.70 -1.64 -11.18
CA LYS F 65 -15.52 -1.09 -10.49
C LYS F 65 -14.44 -2.19 -10.33
N GLY F 66 -14.79 -3.21 -9.55
CA GLY F 66 -13.86 -4.32 -9.20
C GLY F 66 -13.72 -5.38 -10.32
N LYS F 67 -14.86 -5.88 -10.75
CA LYS F 67 -14.98 -6.94 -11.77
C LYS F 67 -14.06 -6.69 -12.97
N ALA F 68 -14.38 -5.64 -13.72
CA ALA F 68 -13.64 -5.25 -14.94
C ALA F 68 -12.44 -4.37 -14.59
N THR F 69 -11.37 -4.67 -15.29
CA THR F 69 -10.09 -3.96 -15.15
C THR F 69 -9.44 -3.89 -16.55
N LEU F 70 -10.04 -2.99 -17.32
CA LEU F 70 -9.66 -2.69 -18.72
C LEU F 70 -8.16 -2.51 -18.87
N THR F 71 -7.64 -2.81 -20.06
CA THR F 71 -6.17 -2.67 -20.30
C THR F 71 -5.80 -2.82 -21.78
N ALA F 72 -4.81 -2.01 -22.16
CA ALA F 72 -4.33 -1.93 -23.56
C ALA F 72 -2.81 -2.16 -23.69
N ASP F 73 -2.47 -2.96 -24.71
CA ASP F 73 -1.06 -3.18 -25.07
C ASP F 73 -0.77 -2.67 -26.48
N LYS F 74 0.01 -1.63 -26.37
CA LYS F 74 0.49 -0.70 -27.40
C LYS F 74 1.25 -1.31 -28.59
N SER F 75 1.63 -2.57 -28.51
CA SER F 75 2.40 -3.21 -29.61
C SER F 75 1.56 -4.24 -30.35
N SER F 76 1.01 -5.16 -29.58
CA SER F 76 0.14 -6.21 -30.12
C SER F 76 -1.25 -5.61 -30.37
N THR F 77 -1.31 -4.31 -30.09
CA THR F 77 -2.53 -3.51 -30.24
C THR F 77 -3.72 -4.39 -29.92
N THR F 78 -3.70 -4.81 -28.68
CA THR F 78 -4.69 -5.70 -28.13
C THR F 78 -5.26 -5.15 -26.86
N ALA F 79 -6.48 -4.75 -26.93
CA ALA F 79 -7.15 -4.35 -25.74
C ALA F 79 -7.41 -5.64 -24.99
N TYR F 80 -7.83 -5.46 -23.81
CA TYR F 80 -8.24 -6.55 -22.97
C TYR F 80 -9.11 -6.02 -21.89
N MET F 81 -9.02 -6.75 -20.87
CA MET F 81 -9.76 -6.54 -19.68
C MET F 81 -10.06 -7.90 -19.16
N GLN F 82 -10.15 -7.98 -17.90
CA GLN F 82 -10.42 -9.25 -17.31
C GLN F 82 -11.25 -9.08 -16.08
N LEU F 83 -12.13 -10.03 -15.97
CA LEU F 83 -13.05 -10.12 -14.88
C LEU F 83 -12.42 -10.90 -13.76
N TYR F 84 -12.73 -10.42 -12.60
CA TYR F 84 -12.29 -11.02 -11.37
C TYR F 84 -13.51 -11.73 -10.77
N SER F 85 -13.21 -12.55 -9.77
CA SER F 85 -14.20 -13.30 -8.96
C SER F 85 -15.46 -13.72 -9.71
N LEU F 86 -15.27 -14.39 -10.81
CA LEU F 86 -16.38 -14.80 -11.67
C LEU F 86 -17.54 -15.47 -10.88
N THR F 87 -18.72 -15.10 -11.39
CA THR F 87 -20.06 -15.59 -10.99
C THR F 87 -20.92 -15.60 -12.27
N SER F 88 -21.98 -16.39 -12.24
CA SER F 88 -22.88 -16.63 -13.40
C SER F 88 -23.70 -15.40 -13.81
N GLU F 89 -23.10 -14.26 -13.61
CA GLU F 89 -23.65 -12.99 -14.07
C GLU F 89 -22.73 -12.58 -15.19
N ASP F 90 -21.53 -13.09 -14.99
CA ASP F 90 -20.39 -12.96 -15.88
C ASP F 90 -20.59 -13.97 -17.01
N SER F 91 -21.62 -14.76 -16.79
CA SER F 91 -22.15 -15.64 -17.82
C SER F 91 -23.06 -14.71 -18.63
N ALA F 92 -22.43 -14.07 -19.62
CA ALA F 92 -23.08 -13.07 -20.52
C ALA F 92 -22.14 -12.88 -21.71
N VAL F 93 -22.26 -11.78 -22.45
CA VAL F 93 -21.29 -11.61 -23.55
C VAL F 93 -20.76 -10.19 -23.68
N TYR F 94 -19.45 -10.29 -23.73
CA TYR F 94 -18.49 -9.21 -23.77
C TYR F 94 -18.08 -8.95 -25.24
N PHE F 95 -18.22 -7.68 -25.60
CA PHE F 95 -17.86 -7.11 -26.91
C PHE F 95 -16.99 -5.87 -26.69
N CYS F 96 -16.01 -5.67 -27.55
CA CYS F 96 -15.15 -4.47 -27.52
C CYS F 96 -15.47 -3.63 -28.76
N ALA F 97 -15.35 -2.31 -28.68
CA ALA F 97 -15.65 -1.44 -29.86
C ALA F 97 -14.89 -0.12 -29.82
N ARG F 98 -14.44 0.25 -31.01
CA ARG F 98 -13.67 1.47 -31.23
C ARG F 98 -14.57 2.68 -31.16
N SER F 99 -14.14 3.55 -30.29
CA SER F 99 -14.87 4.77 -29.99
C SER F 99 -14.17 6.02 -30.49
N GLY F 100 -15.03 6.98 -30.71
CA GLY F 100 -14.68 8.35 -31.07
C GLY F 100 -13.86 8.53 -32.36
N ASN F 101 -14.54 8.35 -33.49
CA ASN F 101 -14.02 8.76 -34.81
C ASN F 101 -14.76 10.08 -34.97
N TYR F 102 -15.63 10.06 -33.97
CA TYR F 102 -16.51 11.09 -33.44
C TYR F 102 -17.83 11.30 -34.16
N PRO F 103 -18.04 11.40 -35.46
CA PRO F 103 -19.40 11.60 -35.91
C PRO F 103 -20.23 10.45 -35.41
N TYR F 104 -19.53 9.37 -35.12
CA TYR F 104 -20.13 8.11 -34.70
C TYR F 104 -19.65 7.68 -33.32
N ALA F 105 -20.56 7.01 -32.64
CA ALA F 105 -20.26 6.42 -31.33
C ALA F 105 -19.19 5.38 -31.61
N MET F 106 -19.09 4.41 -30.74
CA MET F 106 -18.15 3.33 -31.04
C MET F 106 -18.59 2.80 -32.39
N ASP F 107 -17.95 3.30 -33.40
CA ASP F 107 -18.29 2.93 -34.76
C ASP F 107 -17.87 1.47 -35.03
N TYR F 108 -16.55 1.24 -35.18
CA TYR F 108 -16.05 -0.12 -35.46
C TYR F 108 -16.29 -1.07 -34.27
N TRP F 109 -16.80 -2.25 -34.58
CA TRP F 109 -17.15 -3.27 -33.57
C TRP F 109 -16.50 -4.63 -33.83
N GLY F 110 -16.23 -5.28 -32.71
CA GLY F 110 -15.67 -6.65 -32.65
C GLY F 110 -16.81 -7.64 -32.43
N GLN F 111 -16.53 -8.88 -32.79
CA GLN F 111 -17.47 -10.03 -32.77
C GLN F 111 -17.90 -10.44 -31.32
N GLY F 112 -16.93 -10.69 -30.45
CA GLY F 112 -17.20 -11.02 -29.01
C GLY F 112 -16.49 -12.29 -28.50
N THR F 113 -16.63 -12.47 -27.18
CA THR F 113 -16.11 -13.61 -26.39
C THR F 113 -17.21 -14.06 -25.43
N SER F 114 -17.37 -15.36 -25.35
CA SER F 114 -18.41 -15.96 -24.51
C SER F 114 -17.90 -16.25 -23.13
N VAL F 115 -18.47 -15.65 -22.15
CA VAL F 115 -18.04 -16.02 -20.85
C VAL F 115 -19.18 -16.61 -20.08
N THR F 116 -18.83 -17.82 -19.72
CA THR F 116 -19.61 -18.75 -18.96
C THR F 116 -18.80 -19.26 -17.78
N VAL F 117 -19.39 -19.01 -16.64
CA VAL F 117 -18.88 -19.40 -15.35
C VAL F 117 -19.74 -20.53 -14.79
N SER F 118 -19.02 -21.56 -14.45
CA SER F 118 -19.53 -22.79 -13.82
C SER F 118 -18.35 -23.74 -13.69
N SER F 119 -18.57 -24.71 -12.85
CA SER F 119 -17.59 -25.73 -12.48
C SER F 119 -16.68 -26.28 -13.78
#